data_6XPV
#
_entry.id   6XPV
#
_cell.length_a   67.223
_cell.length_b   126.073
_cell.length_c   136.062
_cell.angle_alpha   90.000
_cell.angle_beta   90.000
_cell.angle_gamma   90.000
#
_symmetry.space_group_name_H-M   'P 21 21 21'
#
loop_
_entity.id
_entity.type
_entity.pdbx_description
1 polymer 'Nucleoside diphosphate kinase'
2 non-polymer "THYMIDINE-5'-DIPHOSPHATE"
3 water water
#
_entity_poly.entity_id   1
_entity_poly.type   'polypeptide(L)'
_entity_poly.pdbx_seq_one_letter_code
;MHHHHHHGSMSNEQTFIAIKPDGVQRGLIGPIISRFENRGFKLVAMKLVSPPQSQLEQHYADLSDKPFFKGLVSYMLSGP
ICAMVWEGRDVVKTGRTILGATNPLASAPGTIRGDFAIDVGRNVCHGSDSVENAKKEIALWFKPEELISWKSATFDWVYE
KA
;
_entity_poly.pdbx_strand_id   A,B,C,E,G,H
#
loop_
_chem_comp.id
_chem_comp.type
_chem_comp.name
_chem_comp.formula
TYD non-polymer THYMIDINE-5'-DIPHOSPHATE 'C10 H16 N2 O11 P2'
#
# COMPACT_ATOMS: atom_id res chain seq x y z
N SER A 9 8.44 32.24 0.18
CA SER A 9 7.73 31.12 0.78
C SER A 9 8.49 30.57 1.99
N MET A 10 7.89 30.70 3.17
CA MET A 10 8.47 30.18 4.39
C MET A 10 7.87 28.83 4.74
N SER A 11 8.63 28.04 5.51
CA SER A 11 8.22 26.69 5.86
C SER A 11 7.19 26.63 6.98
N ASN A 12 6.81 27.78 7.56
CA ASN A 12 5.82 27.81 8.62
C ASN A 12 4.44 28.23 8.13
N GLU A 13 4.23 28.29 6.82
CA GLU A 13 2.90 28.53 6.28
C GLU A 13 1.97 27.40 6.72
N GLN A 14 0.72 27.76 7.02
CA GLN A 14 -0.27 26.81 7.51
C GLN A 14 -1.49 26.81 6.61
N THR A 15 -2.20 25.68 6.59
CA THR A 15 -3.45 25.56 5.86
C THR A 15 -4.41 24.71 6.66
N PHE A 16 -5.69 24.80 6.30
CA PHE A 16 -6.76 24.06 6.95
C PHE A 16 -7.26 22.98 6.01
N ILE A 17 -7.11 21.72 6.41
CA ILE A 17 -7.61 20.58 5.65
C ILE A 17 -8.69 19.90 6.48
N ALA A 18 -9.83 19.65 5.86
CA ALA A 18 -10.97 19.04 6.54
C ALA A 18 -11.39 17.80 5.77
N ILE A 19 -11.62 16.71 6.49
CA ILE A 19 -12.18 15.49 5.93
C ILE A 19 -13.69 15.54 6.16
N LYS A 20 -14.44 15.67 5.07
CA LYS A 20 -15.88 15.84 5.14
C LYS A 20 -16.56 14.55 5.63
N PRO A 21 -17.85 14.62 5.99
CA PRO A 21 -18.51 13.41 6.53
C PRO A 21 -18.45 12.20 5.61
N ASP A 22 -18.53 12.39 4.30
CA ASP A 22 -18.42 11.25 3.39
C ASP A 22 -17.02 10.64 3.43
N GLY A 23 -16.00 11.46 3.72
CA GLY A 23 -14.67 10.90 3.87
C GLY A 23 -14.52 10.06 5.12
N VAL A 24 -15.13 10.49 6.22
CA VAL A 24 -15.13 9.69 7.44
C VAL A 24 -15.96 8.43 7.26
N GLN A 25 -17.12 8.54 6.61
CA GLN A 25 -18.00 7.39 6.44
C GLN A 25 -17.36 6.31 5.58
N ARG A 26 -16.60 6.69 4.57
CA ARG A 26 -16.03 5.74 3.63
C ARG A 26 -14.65 5.25 4.03
N GLY A 27 -14.19 5.56 5.24
CA GLY A 27 -12.93 5.05 5.73
C GLY A 27 -11.72 5.63 5.03
N LEU A 28 -11.65 6.96 4.91
CA LEU A 28 -10.57 7.63 4.21
C LEU A 28 -9.73 8.52 5.13
N ILE A 29 -9.87 8.37 6.45
CA ILE A 29 -9.11 9.24 7.35
C ILE A 29 -7.64 8.91 7.29
N GLY A 30 -7.30 7.62 7.34
CA GLY A 30 -5.93 7.17 7.27
C GLY A 30 -5.21 7.58 5.99
N PRO A 31 -5.75 7.18 4.83
CA PRO A 31 -5.07 7.52 3.57
C PRO A 31 -4.93 9.02 3.32
N ILE A 32 -5.94 9.81 3.68
CA ILE A 32 -5.84 11.25 3.45
C ILE A 32 -4.73 11.85 4.31
N ILE A 33 -4.63 11.42 5.57
CA ILE A 33 -3.56 11.91 6.43
C ILE A 33 -2.20 11.48 5.91
N SER A 34 -2.10 10.23 5.42
CA SER A 34 -0.83 9.75 4.90
C SER A 34 -0.35 10.54 3.69
N ARG A 35 -1.28 11.06 2.89
CA ARG A 35 -0.86 11.89 1.74
C ARG A 35 -0.08 13.11 2.20
N PHE A 36 -0.52 13.75 3.28
CA PHE A 36 0.19 14.92 3.78
C PHE A 36 1.39 14.52 4.64
N GLU A 37 1.34 13.36 5.30
CA GLU A 37 2.49 12.88 6.05
C GLU A 37 3.64 12.54 5.13
N ASN A 38 3.37 11.81 4.04
CA ASN A 38 4.45 11.38 3.16
C ASN A 38 5.05 12.55 2.39
N ARG A 39 4.26 13.59 2.12
CA ARG A 39 4.76 14.72 1.36
C ARG A 39 5.77 15.54 2.17
N GLY A 40 5.68 15.49 3.50
CA GLY A 40 6.61 16.21 4.36
C GLY A 40 5.98 17.32 5.17
N PHE A 41 4.67 17.52 5.08
CA PHE A 41 4.03 18.56 5.85
C PHE A 41 3.83 18.12 7.30
N LYS A 42 3.78 19.10 8.20
CA LYS A 42 3.68 18.85 9.63
C LYS A 42 2.24 19.08 10.09
N LEU A 43 1.68 18.09 10.78
CA LEU A 43 0.35 18.20 11.37
C LEU A 43 0.47 18.89 12.73
N VAL A 44 -0.07 20.11 12.83
CA VAL A 44 0.03 20.89 14.06
C VAL A 44 -1.26 20.95 14.84
N ALA A 45 -2.38 20.49 14.27
CA ALA A 45 -3.65 20.51 14.98
C ALA A 45 -4.61 19.54 14.28
N MET A 46 -5.36 18.79 15.08
CA MET A 46 -6.34 17.85 14.54
C MET A 46 -7.35 17.52 15.62
N LYS A 47 -8.59 17.30 15.20
CA LYS A 47 -9.66 16.91 16.10
C LYS A 47 -10.85 16.39 15.31
N LEU A 48 -11.53 15.40 15.85
CA LEU A 48 -12.79 14.91 15.28
C LEU A 48 -13.91 15.73 15.89
N VAL A 49 -14.65 16.46 15.06
CA VAL A 49 -15.65 17.40 15.55
C VAL A 49 -16.96 17.22 14.79
N SER A 50 -18.03 17.67 15.44
CA SER A 50 -19.36 17.81 14.83
C SER A 50 -19.79 19.24 15.06
N PRO A 51 -19.32 20.16 14.22
CA PRO A 51 -19.45 21.60 14.52
C PRO A 51 -20.89 22.06 14.41
N PRO A 52 -21.26 23.13 15.12
CA PRO A 52 -22.63 23.66 14.99
C PRO A 52 -22.87 24.26 13.61
N GLN A 53 -24.15 24.36 13.27
CA GLN A 53 -24.53 24.86 11.95
C GLN A 53 -24.08 26.31 11.73
N SER A 54 -24.06 27.11 12.80
CA SER A 54 -23.62 28.50 12.68
C SER A 54 -22.16 28.57 12.23
N GLN A 55 -21.31 27.67 12.75
CA GLN A 55 -19.92 27.63 12.32
C GLN A 55 -19.81 27.21 10.86
N LEU A 56 -20.67 26.28 10.42
CA LEU A 56 -20.60 25.83 9.04
C LEU A 56 -21.12 26.90 8.08
N GLU A 57 -22.20 27.59 8.44
CA GLU A 57 -22.67 28.69 7.60
C GLU A 57 -21.65 29.80 7.50
N GLN A 58 -20.99 30.12 8.61
CA GLN A 58 -19.92 31.12 8.59
C GLN A 58 -18.74 30.64 7.75
N HIS A 59 -18.46 29.34 7.77
CA HIS A 59 -17.39 28.81 6.93
C HIS A 59 -17.71 28.97 5.45
N TYR A 60 -18.96 28.76 5.07
CA TYR A 60 -19.42 28.95 3.69
C TYR A 60 -20.20 30.24 3.53
N ALA A 61 -19.76 31.32 4.19
CA ALA A 61 -20.49 32.58 4.12
C ALA A 61 -20.48 33.14 2.70
N ASP A 62 -19.39 32.92 1.96
CA ASP A 62 -19.30 33.37 0.58
C ASP A 62 -20.36 32.74 -0.31
N LEU A 63 -20.95 31.62 0.11
CA LEU A 63 -21.89 30.86 -0.69
C LEU A 63 -23.31 30.92 -0.14
N SER A 64 -23.59 31.84 0.78
CA SER A 64 -24.91 31.89 1.42
C SER A 64 -26.03 32.17 0.42
N ASP A 65 -25.72 32.75 -0.74
CA ASP A 65 -26.71 32.98 -1.78
C ASP A 65 -26.71 31.91 -2.87
N LYS A 66 -25.78 30.95 -2.80
CA LYS A 66 -25.74 29.91 -3.81
C LYS A 66 -26.95 28.98 -3.66
N PRO A 67 -27.46 28.45 -4.78
CA PRO A 67 -28.64 27.58 -4.69
C PRO A 67 -28.39 26.29 -3.93
N PHE A 68 -27.17 25.76 -3.95
CA PHE A 68 -26.82 24.53 -3.26
C PHE A 68 -26.40 24.76 -1.82
N PHE A 69 -26.60 25.97 -1.30
CA PHE A 69 -26.03 26.31 0.01
C PHE A 69 -26.66 25.49 1.13
N LYS A 70 -27.99 25.37 1.13
CA LYS A 70 -28.66 24.67 2.22
C LYS A 70 -28.38 23.17 2.19
N GLY A 71 -28.31 22.58 0.99
CA GLY A 71 -27.94 21.19 0.88
C GLY A 71 -26.48 20.95 1.26
N LEU A 72 -25.62 21.93 1.03
CA LEU A 72 -24.22 21.81 1.42
C LEU A 72 -24.09 21.81 2.94
N VAL A 73 -24.75 22.76 3.61
CA VAL A 73 -24.68 22.82 5.06
C VAL A 73 -25.28 21.57 5.68
N SER A 74 -26.37 21.06 5.11
CA SER A 74 -27.01 19.86 5.65
C SER A 74 -26.10 18.65 5.49
N TYR A 75 -25.40 18.55 4.35
CA TYR A 75 -24.51 17.43 4.14
C TYR A 75 -23.28 17.51 5.04
N MET A 76 -22.82 18.73 5.34
CA MET A 76 -21.72 18.90 6.29
C MET A 76 -22.14 18.65 7.74
N LEU A 77 -23.45 18.57 8.01
CA LEU A 77 -23.96 18.22 9.33
C LEU A 77 -24.28 16.75 9.48
N SER A 78 -24.20 15.97 8.39
CA SER A 78 -24.68 14.59 8.38
C SER A 78 -23.71 13.62 9.04
N GLY A 79 -22.58 14.07 9.58
CA GLY A 79 -21.64 13.17 10.19
C GLY A 79 -20.39 13.86 10.70
N PRO A 80 -19.46 13.09 11.25
CA PRO A 80 -18.25 13.68 11.81
C PRO A 80 -17.36 14.29 10.75
N ILE A 81 -16.52 15.22 11.19
CA ILE A 81 -15.56 15.91 10.33
C ILE A 81 -14.21 15.89 11.02
N CYS A 82 -13.18 15.46 10.28
CA CYS A 82 -11.81 15.48 10.78
C CYS A 82 -11.17 16.79 10.33
N ALA A 83 -11.03 17.74 11.25
CA ALA A 83 -10.44 19.03 10.97
C ALA A 83 -8.96 19.00 11.30
N MET A 84 -8.14 19.52 10.39
CA MET A 84 -6.68 19.44 10.52
C MET A 84 -6.04 20.76 10.12
N VAL A 85 -4.89 21.05 10.73
CA VAL A 85 -4.05 22.16 10.35
C VAL A 85 -2.67 21.60 10.00
N TRP A 86 -2.27 21.77 8.74
CA TRP A 86 -0.98 21.30 8.26
C TRP A 86 -0.06 22.48 7.99
N GLU A 87 1.22 22.32 8.34
CA GLU A 87 2.20 23.39 8.23
C GLU A 87 3.34 22.95 7.31
N GLY A 88 3.72 23.83 6.40
CA GLY A 88 4.81 23.53 5.47
C GLY A 88 4.94 24.65 4.46
N ARG A 89 6.03 24.59 3.72
CA ARG A 89 6.27 25.59 2.68
C ARG A 89 5.27 25.40 1.54
N ASP A 90 4.56 26.49 1.19
CA ASP A 90 3.54 26.48 0.15
C ASP A 90 2.48 25.40 0.40
N VAL A 91 2.16 25.17 1.68
CA VAL A 91 1.26 24.08 2.02
C VAL A 91 -0.16 24.38 1.55
N VAL A 92 -0.56 25.66 1.53
CA VAL A 92 -1.88 26.01 1.00
C VAL A 92 -1.97 25.66 -0.47
N LYS A 93 -0.96 26.07 -1.25
CA LYS A 93 -0.96 25.80 -2.68
C LYS A 93 -0.78 24.32 -2.97
N THR A 94 0.24 23.70 -2.35
CA THR A 94 0.49 22.28 -2.60
C THR A 94 -0.60 21.39 -2.02
N GLY A 95 -1.20 21.81 -0.89
CA GLY A 95 -2.28 21.02 -0.33
C GLY A 95 -3.47 20.89 -1.27
N ARG A 96 -3.84 22.00 -1.93
CA ARG A 96 -4.91 21.93 -2.92
C ARG A 96 -4.56 20.98 -4.06
N THR A 97 -3.30 21.01 -4.51
CA THR A 97 -2.87 20.10 -5.56
C THR A 97 -2.95 18.65 -5.09
N ILE A 98 -2.61 18.39 -3.83
CA ILE A 98 -2.72 17.03 -3.29
C ILE A 98 -4.18 16.59 -3.26
N LEU A 99 -5.09 17.50 -2.86
CA LEU A 99 -6.51 17.16 -2.84
C LEU A 99 -7.05 16.92 -4.25
N GLY A 100 -6.53 17.64 -5.23
CA GLY A 100 -7.05 17.56 -6.58
C GLY A 100 -8.13 18.60 -6.86
N ALA A 101 -8.61 18.59 -8.10
CA ALA A 101 -9.63 19.55 -8.51
C ALA A 101 -10.87 19.42 -7.64
N THR A 102 -11.46 20.57 -7.28
CA THR A 102 -12.63 20.57 -6.41
C THR A 102 -13.75 19.72 -6.99
N ASN A 103 -13.94 19.77 -8.30
CA ASN A 103 -14.84 18.84 -8.98
C ASN A 103 -14.05 17.58 -9.29
N PRO A 104 -14.32 16.45 -8.64
CA PRO A 104 -13.54 15.23 -8.90
C PRO A 104 -13.61 14.76 -10.35
N LEU A 105 -14.60 15.22 -11.12
CA LEU A 105 -14.65 14.88 -12.54
C LEU A 105 -13.46 15.45 -13.30
N ALA A 106 -12.90 16.56 -12.82
CA ALA A 106 -11.74 17.19 -13.45
C ALA A 106 -10.44 16.89 -12.74
N SER A 107 -10.47 16.13 -11.65
CA SER A 107 -9.26 15.84 -10.90
C SER A 107 -8.48 14.71 -11.56
N ALA A 108 -7.17 14.67 -11.29
CA ALA A 108 -6.31 13.66 -11.87
C ALA A 108 -6.05 12.53 -10.88
N PRO A 109 -6.01 11.29 -11.35
CA PRO A 109 -5.62 10.19 -10.47
C PRO A 109 -4.25 10.42 -9.87
N GLY A 110 -4.07 9.96 -8.63
CA GLY A 110 -2.92 10.27 -7.84
C GLY A 110 -3.17 11.33 -6.78
N THR A 111 -4.19 12.16 -6.98
CA THR A 111 -4.67 13.06 -5.95
C THR A 111 -5.75 12.36 -5.13
N ILE A 112 -6.13 13.00 -4.01
CA ILE A 112 -7.13 12.42 -3.13
C ILE A 112 -8.47 12.26 -3.86
N ARG A 113 -8.90 13.31 -4.57
CA ARG A 113 -10.18 13.23 -5.28
C ARG A 113 -10.09 12.39 -6.54
N GLY A 114 -8.93 12.39 -7.21
CA GLY A 114 -8.75 11.52 -8.36
C GLY A 114 -8.67 10.05 -8.00
N ASP A 115 -8.54 9.72 -6.71
CA ASP A 115 -8.48 8.34 -6.25
C ASP A 115 -9.74 7.86 -5.54
N PHE A 116 -10.50 8.76 -4.92
CA PHE A 116 -11.61 8.33 -4.06
C PHE A 116 -12.95 8.99 -4.34
N ALA A 117 -13.01 10.10 -5.07
CA ALA A 117 -14.23 10.89 -5.15
C ALA A 117 -14.74 10.99 -6.58
N ILE A 118 -16.03 11.35 -6.70
CA ILE A 118 -16.70 11.42 -7.99
C ILE A 118 -17.54 12.69 -8.10
N ASP A 119 -18.38 12.93 -7.08
CA ASP A 119 -19.32 14.05 -7.10
C ASP A 119 -18.75 15.24 -6.34
N VAL A 120 -18.99 16.44 -6.88
CA VAL A 120 -18.52 17.66 -6.22
C VAL A 120 -19.25 17.87 -4.90
N GLY A 121 -20.49 17.43 -4.79
CA GLY A 121 -21.20 17.48 -3.52
C GLY A 121 -20.78 16.42 -2.53
N ARG A 122 -19.89 15.52 -2.93
CA ARG A 122 -19.36 14.47 -2.07
C ARG A 122 -17.87 14.30 -2.33
N ASN A 123 -17.12 15.41 -2.27
CA ASN A 123 -15.71 15.41 -2.62
C ASN A 123 -14.80 15.20 -1.41
N VAL A 124 -15.27 14.47 -0.40
CA VAL A 124 -14.50 13.90 0.71
C VAL A 124 -13.71 14.91 1.54
N CYS A 125 -13.25 16.02 0.95
CA CYS A 125 -12.31 16.86 1.67
C CYS A 125 -12.48 18.33 1.26
N HIS A 126 -11.85 19.19 2.06
CA HIS A 126 -11.81 20.63 1.82
C HIS A 126 -10.41 21.14 2.08
N GLY A 127 -10.01 22.16 1.30
CA GLY A 127 -8.74 22.81 1.52
C GLY A 127 -8.80 24.31 1.28
N SER A 128 -8.15 25.09 2.15
CA SER A 128 -8.12 26.54 1.99
C SER A 128 -7.47 26.91 0.65
N ASP A 129 -8.08 27.86 -0.04
CA ASP A 129 -7.61 28.26 -1.36
C ASP A 129 -6.68 29.47 -1.32
N SER A 130 -6.41 30.03 -0.15
CA SER A 130 -5.47 31.14 -0.05
C SER A 130 -4.88 31.16 1.35
N VAL A 131 -3.73 31.84 1.47
CA VAL A 131 -3.06 31.98 2.76
C VAL A 131 -3.98 32.70 3.75
N GLU A 132 -4.59 33.80 3.30
CA GLU A 132 -5.42 34.59 4.21
C GLU A 132 -6.74 33.88 4.55
N ASN A 133 -7.32 33.16 3.58
CA ASN A 133 -8.47 32.33 3.90
C ASN A 133 -8.11 31.20 4.85
N ALA A 134 -6.87 30.70 4.77
CA ALA A 134 -6.44 29.67 5.71
C ALA A 134 -6.39 30.21 7.13
N LYS A 135 -5.88 31.43 7.31
CA LYS A 135 -5.85 32.03 8.64
C LYS A 135 -7.25 32.23 9.19
N LYS A 136 -8.20 32.60 8.34
CA LYS A 136 -9.58 32.77 8.78
C LYS A 136 -10.21 31.44 9.18
N GLU A 137 -9.98 30.40 8.38
CA GLU A 137 -10.58 29.11 8.65
C GLU A 137 -9.96 28.44 9.87
N ILE A 138 -8.63 28.58 10.03
CA ILE A 138 -7.96 28.00 11.19
C ILE A 138 -8.45 28.65 12.47
N ALA A 139 -8.61 29.98 12.47
CA ALA A 139 -9.15 30.67 13.64
C ALA A 139 -10.61 30.30 13.87
N LEU A 140 -11.35 29.99 12.81
CA LEU A 140 -12.76 29.62 12.96
C LEU A 140 -12.91 28.22 13.54
N TRP A 141 -12.10 27.27 13.08
CA TRP A 141 -12.26 25.88 13.47
C TRP A 141 -11.47 25.51 14.72
N PHE A 142 -10.37 26.20 15.00
CA PHE A 142 -9.47 25.81 16.09
C PHE A 142 -9.27 26.96 17.06
N LYS A 143 -9.21 26.63 18.34
CA LYS A 143 -8.74 27.55 19.35
C LYS A 143 -7.21 27.64 19.30
N PRO A 144 -6.64 28.79 19.65
CA PRO A 144 -5.18 28.94 19.54
C PRO A 144 -4.39 27.90 20.31
N GLU A 145 -4.90 27.43 21.45
CA GLU A 145 -4.18 26.42 22.22
C GLU A 145 -4.25 25.04 21.58
N GLU A 146 -5.14 24.83 20.62
CA GLU A 146 -5.24 23.55 19.94
C GLU A 146 -4.17 23.36 18.88
N LEU A 147 -3.45 24.41 18.50
CA LEU A 147 -2.33 24.30 17.57
C LEU A 147 -1.07 23.97 18.36
N ILE A 148 -0.56 22.75 18.19
CA ILE A 148 0.57 22.25 18.95
C ILE A 148 1.86 22.66 18.24
N SER A 149 2.83 23.13 19.00
CA SER A 149 4.12 23.54 18.48
C SER A 149 5.14 22.42 18.70
N TRP A 150 5.76 21.97 17.62
CA TRP A 150 6.78 20.93 17.72
C TRP A 150 7.65 20.98 16.47
N LYS A 151 8.78 20.28 16.54
CA LYS A 151 9.80 20.31 15.50
C LYS A 151 10.02 18.90 14.98
N SER A 152 9.75 18.70 13.68
CA SER A 152 9.90 17.38 13.09
C SER A 152 11.36 16.94 13.14
N ALA A 153 11.58 15.65 13.40
CA ALA A 153 12.94 15.14 13.50
C ALA A 153 13.68 15.22 12.16
N THR A 154 12.96 15.19 11.04
CA THR A 154 13.54 15.26 9.70
C THR A 154 13.28 16.60 9.02
N PHE A 155 13.17 17.67 9.81
CA PHE A 155 12.93 18.99 9.24
C PHE A 155 14.05 19.39 8.28
N ASP A 156 15.31 19.21 8.69
CA ASP A 156 16.44 19.60 7.87
C ASP A 156 16.66 18.68 6.68
N TRP A 157 15.91 17.57 6.60
CA TRP A 157 15.94 16.71 5.41
C TRP A 157 14.79 16.99 4.46
N VAL A 158 13.73 17.64 4.93
CA VAL A 158 12.67 18.07 4.04
C VAL A 158 12.93 19.46 3.45
N TYR A 159 13.57 20.34 4.23
CA TYR A 159 13.78 21.73 3.84
C TYR A 159 15.26 22.06 3.75
N GLU A 160 15.62 22.82 2.71
CA GLU A 160 16.97 23.29 2.52
C GLU A 160 17.21 24.65 3.17
N LYS A 161 16.17 25.33 3.61
CA LYS A 161 16.27 26.69 4.12
C LYS A 161 14.95 27.05 4.81
N ALA A 162 14.89 28.26 5.34
CA ALA A 162 13.66 28.85 5.88
C ALA A 162 12.97 27.95 6.89
N SER B 9 -18.64 -8.88 23.42
CA SER B 9 -19.92 -8.39 23.92
C SER B 9 -20.67 -7.61 22.83
N MET B 10 -21.02 -6.37 23.13
CA MET B 10 -21.84 -5.56 22.24
C MET B 10 -20.94 -4.72 21.31
N SER B 11 -21.57 -4.16 20.27
CA SER B 11 -20.86 -3.44 19.23
C SER B 11 -20.52 -2.01 19.61
N ASN B 12 -20.87 -1.55 20.81
CA ASN B 12 -20.60 -0.19 21.23
C ASN B 12 -19.53 -0.11 22.31
N GLU B 13 -18.72 -1.16 22.46
CA GLU B 13 -17.59 -1.10 23.37
C GLU B 13 -16.56 -0.10 22.88
N GLN B 14 -15.85 0.52 23.81
CA GLN B 14 -14.92 1.60 23.48
C GLN B 14 -13.57 1.34 24.14
N THR B 15 -12.51 1.82 23.47
CA THR B 15 -11.16 1.76 24.02
C THR B 15 -10.45 3.07 23.74
N PHE B 16 -9.34 3.29 24.43
CA PHE B 16 -8.52 4.48 24.25
C PHE B 16 -7.24 4.09 23.52
N ILE B 17 -7.03 4.67 22.34
CA ILE B 17 -5.83 4.44 21.54
C ILE B 17 -5.10 5.77 21.42
N ALA B 18 -3.81 5.76 21.73
CA ALA B 18 -2.97 6.95 21.63
C ALA B 18 -1.76 6.65 20.77
N ILE B 19 -1.40 7.60 19.91
CA ILE B 19 -0.19 7.53 19.11
C ILE B 19 0.87 8.33 19.83
N LYS B 20 1.88 7.64 20.36
CA LYS B 20 2.89 8.28 21.19
C LYS B 20 3.76 9.22 20.34
N PRO B 21 4.53 10.11 20.98
CA PRO B 21 5.31 11.10 20.22
C PRO B 21 6.24 10.50 19.16
N ASP B 22 6.79 9.31 19.39
CA ASP B 22 7.65 8.72 18.38
C ASP B 22 6.87 8.32 17.14
N GLY B 23 5.63 7.83 17.32
CA GLY B 23 4.79 7.53 16.17
C GLY B 23 4.41 8.76 15.38
N VAL B 24 4.23 9.90 16.06
CA VAL B 24 3.98 11.15 15.35
C VAL B 24 5.22 11.60 14.60
N GLN B 25 6.38 11.55 15.27
CA GLN B 25 7.61 12.03 14.66
C GLN B 25 8.00 11.21 13.44
N ARG B 26 7.76 9.90 13.47
CA ARG B 26 8.15 9.01 12.38
C ARG B 26 7.10 8.90 11.30
N GLY B 27 6.05 9.73 11.34
CA GLY B 27 5.06 9.76 10.28
C GLY B 27 4.21 8.52 10.18
N LEU B 28 3.67 8.05 11.31
CA LEU B 28 2.87 6.84 11.34
C LEU B 28 1.41 7.10 11.72
N ILE B 29 0.96 8.35 11.71
CA ILE B 29 -0.41 8.65 12.14
C ILE B 29 -1.41 8.04 11.17
N GLY B 30 -1.21 8.27 9.87
CA GLY B 30 -2.05 7.70 8.84
C GLY B 30 -2.11 6.18 8.87
N PRO B 31 -0.95 5.52 8.82
CA PRO B 31 -0.96 4.04 8.83
C PRO B 31 -1.63 3.44 10.06
N ILE B 32 -1.42 4.03 11.24
CA ILE B 32 -2.01 3.46 12.46
C ILE B 32 -3.53 3.59 12.42
N ILE B 33 -4.04 4.75 12.00
CA ILE B 33 -5.48 4.95 11.92
C ILE B 33 -6.10 3.98 10.92
N SER B 34 -5.40 3.70 9.82
CA SER B 34 -5.94 2.81 8.80
C SER B 34 -6.11 1.39 9.32
N ARG B 35 -5.23 0.94 10.21
CA ARG B 35 -5.35 -0.41 10.77
C ARG B 35 -6.70 -0.57 11.47
N PHE B 36 -7.08 0.41 12.29
CA PHE B 36 -8.38 0.36 12.95
C PHE B 36 -9.52 0.66 11.99
N GLU B 37 -9.30 1.55 11.02
CA GLU B 37 -10.33 1.86 10.04
C GLU B 37 -10.66 0.65 9.17
N ASN B 38 -9.63 0.00 8.64
CA ASN B 38 -9.85 -1.16 7.76
C ASN B 38 -10.42 -2.35 8.53
N ARG B 39 -10.14 -2.45 9.83
CA ARG B 39 -10.65 -3.57 10.62
C ARG B 39 -12.16 -3.47 10.85
N GLY B 40 -12.74 -2.27 10.71
CA GLY B 40 -14.16 -2.08 10.89
C GLY B 40 -14.57 -1.32 12.13
N PHE B 41 -13.62 -0.74 12.86
CA PHE B 41 -13.94 0.00 14.08
C PHE B 41 -14.28 1.45 13.75
N LYS B 42 -14.99 2.09 14.67
CA LYS B 42 -15.50 3.44 14.49
C LYS B 42 -14.72 4.42 15.37
N LEU B 43 -14.22 5.48 14.76
CA LEU B 43 -13.57 6.56 15.49
C LEU B 43 -14.63 7.54 16.00
N VAL B 44 -14.76 7.63 17.32
CA VAL B 44 -15.74 8.54 17.91
C VAL B 44 -15.10 9.79 18.49
N ALA B 45 -13.79 9.78 18.76
CA ALA B 45 -13.11 10.93 19.30
C ALA B 45 -11.65 10.89 18.89
N MET B 46 -11.10 12.05 18.54
CA MET B 46 -9.68 12.16 18.19
C MET B 46 -9.25 13.61 18.35
N LYS B 47 -8.02 13.80 18.81
CA LYS B 47 -7.44 15.13 18.89
C LYS B 47 -5.93 15.01 19.08
N LEU B 48 -5.19 15.93 18.47
CA LEU B 48 -3.75 16.04 18.68
C LEU B 48 -3.50 16.97 19.85
N VAL B 49 -2.84 16.46 20.89
CA VAL B 49 -2.64 17.21 22.12
C VAL B 49 -1.20 17.04 22.61
N SER B 50 -0.77 18.00 23.42
CA SER B 50 0.49 17.93 24.18
C SER B 50 0.10 18.10 25.64
N PRO B 51 -0.35 17.03 26.29
CA PRO B 51 -0.91 17.16 27.64
C PRO B 51 0.16 17.50 28.66
N PRO B 52 -0.21 18.08 29.80
CA PRO B 52 0.78 18.40 30.82
C PRO B 52 1.27 17.14 31.53
N GLN B 53 2.36 17.31 32.29
CA GLN B 53 2.97 16.17 32.97
C GLN B 53 2.03 15.54 33.98
N SER B 54 1.19 16.34 34.64
CA SER B 54 0.28 15.81 35.65
C SER B 54 -0.71 14.82 35.04
N GLN B 55 -1.20 15.11 33.83
CA GLN B 55 -2.13 14.18 33.19
C GLN B 55 -1.44 12.88 32.81
N LEU B 56 -0.19 12.96 32.33
CA LEU B 56 0.51 11.76 31.92
C LEU B 56 0.88 10.89 33.12
N GLU B 57 1.26 11.51 34.24
CA GLU B 57 1.55 10.75 35.45
C GLU B 57 0.30 10.13 36.05
N GLN B 58 -0.88 10.69 35.76
CA GLN B 58 -2.13 10.06 36.17
C GLN B 58 -2.49 8.88 35.26
N HIS B 59 -2.21 9.02 33.97
CA HIS B 59 -2.45 7.92 33.03
C HIS B 59 -1.59 6.71 33.36
N TYR B 60 -0.36 6.95 33.83
CA TYR B 60 0.57 5.90 34.22
C TYR B 60 0.72 5.82 35.74
N ALA B 61 -0.35 6.10 36.48
CA ALA B 61 -0.26 6.16 37.94
C ALA B 61 0.09 4.81 38.54
N ASP B 62 -0.36 3.71 37.91
CA ASP B 62 -0.08 2.38 38.43
C ASP B 62 1.36 1.95 38.19
N LEU B 63 2.17 2.75 37.49
CA LEU B 63 3.57 2.43 37.25
C LEU B 63 4.51 3.41 37.91
N SER B 64 4.02 4.24 38.84
CA SER B 64 4.84 5.28 39.44
C SER B 64 5.99 4.73 40.26
N ASP B 65 5.94 3.44 40.63
CA ASP B 65 7.02 2.81 41.37
C ASP B 65 7.99 2.03 40.49
N LYS B 66 7.63 1.81 39.22
CA LYS B 66 8.50 1.09 38.31
C LYS B 66 9.75 1.91 38.01
N PRO B 67 10.88 1.25 37.73
CA PRO B 67 12.12 1.99 37.47
C PRO B 67 12.10 2.82 36.20
N PHE B 68 11.24 2.49 35.24
CA PHE B 68 11.18 3.19 33.97
C PHE B 68 10.16 4.33 33.96
N PHE B 69 9.58 4.66 35.11
CA PHE B 69 8.46 5.59 35.14
C PHE B 69 8.88 7.00 34.74
N LYS B 70 9.99 7.49 35.30
CA LYS B 70 10.42 8.86 35.02
C LYS B 70 10.78 9.04 33.55
N GLY B 71 11.50 8.06 32.97
CA GLY B 71 11.85 8.15 31.56
C GLY B 71 10.66 8.03 30.64
N LEU B 72 9.67 7.20 31.02
CA LEU B 72 8.46 7.08 30.21
C LEU B 72 7.70 8.39 30.15
N VAL B 73 7.57 9.08 31.28
CA VAL B 73 6.81 10.33 31.33
C VAL B 73 7.50 11.42 30.51
N SER B 74 8.83 11.52 30.63
CA SER B 74 9.55 12.52 29.85
C SER B 74 9.48 12.24 28.36
N TYR B 75 9.41 10.96 27.98
CA TYR B 75 9.28 10.64 26.55
C TYR B 75 7.86 10.89 26.05
N MET B 76 6.85 10.64 26.88
CA MET B 76 5.47 11.00 26.52
C MET B 76 5.26 12.51 26.44
N LEU B 77 6.15 13.31 27.05
CA LEU B 77 6.09 14.76 26.95
C LEU B 77 6.92 15.33 25.82
N SER B 78 7.77 14.51 25.17
CA SER B 78 8.74 15.02 24.22
C SER B 78 8.12 15.43 22.89
N GLY B 79 6.84 15.16 22.67
CA GLY B 79 6.19 15.53 21.42
C GLY B 79 4.69 15.43 21.49
N PRO B 80 4.01 15.80 20.41
CA PRO B 80 2.56 15.73 20.38
C PRO B 80 2.05 14.29 20.40
N ILE B 81 0.81 14.14 20.86
CA ILE B 81 0.15 12.85 20.98
C ILE B 81 -1.17 12.92 20.25
N CYS B 82 -1.47 11.89 19.46
CA CYS B 82 -2.76 11.76 18.78
C CYS B 82 -3.63 10.83 19.61
N ALA B 83 -4.45 11.40 20.47
CA ALA B 83 -5.37 10.64 21.32
C ALA B 83 -6.64 10.29 20.55
N MET B 84 -7.12 9.08 20.75
CA MET B 84 -8.26 8.57 20.00
C MET B 84 -9.13 7.67 20.89
N VAL B 85 -10.40 7.58 20.52
CA VAL B 85 -11.32 6.61 21.10
C VAL B 85 -11.95 5.84 19.96
N TRP B 86 -11.82 4.52 19.98
CA TRP B 86 -12.38 3.66 18.95
C TRP B 86 -13.51 2.81 19.53
N GLU B 87 -14.53 2.57 18.71
CA GLU B 87 -15.72 1.86 19.15
C GLU B 87 -15.95 0.64 18.28
N GLY B 88 -16.33 -0.46 18.92
CA GLY B 88 -16.60 -1.70 18.22
C GLY B 88 -16.60 -2.87 19.17
N ARG B 89 -17.09 -4.00 18.66
CA ARG B 89 -17.16 -5.21 19.47
C ARG B 89 -15.76 -5.73 19.78
N ASP B 90 -15.49 -5.95 21.08
CA ASP B 90 -14.19 -6.43 21.54
C ASP B 90 -13.05 -5.52 21.09
N VAL B 91 -13.33 -4.22 20.98
CA VAL B 91 -12.34 -3.28 20.46
C VAL B 91 -11.16 -3.16 21.42
N VAL B 92 -11.38 -3.41 22.71
CA VAL B 92 -10.28 -3.34 23.67
C VAL B 92 -9.29 -4.48 23.42
N LYS B 93 -9.78 -5.72 23.45
CA LYS B 93 -8.89 -6.87 23.30
C LYS B 93 -8.34 -6.95 21.87
N THR B 94 -9.21 -6.82 20.87
CA THR B 94 -8.75 -6.86 19.49
C THR B 94 -7.87 -5.66 19.16
N GLY B 95 -8.13 -4.51 19.79
CA GLY B 95 -7.27 -3.35 19.56
C GLY B 95 -5.85 -3.58 20.04
N ARG B 96 -5.69 -4.20 21.21
CA ARG B 96 -4.36 -4.55 21.70
C ARG B 96 -3.68 -5.54 20.75
N THR B 97 -4.45 -6.45 20.18
CA THR B 97 -3.90 -7.39 19.20
C THR B 97 -3.42 -6.67 17.95
N ILE B 98 -4.16 -5.65 17.51
CA ILE B 98 -3.76 -4.88 16.34
C ILE B 98 -2.45 -4.12 16.62
N LEU B 99 -2.29 -3.64 17.86
CA LEU B 99 -1.05 -2.96 18.22
C LEU B 99 0.14 -3.92 18.31
N GLY B 100 -0.13 -5.19 18.62
CA GLY B 100 0.93 -6.15 18.85
C GLY B 100 1.38 -6.16 20.29
N ALA B 101 2.35 -7.04 20.56
CA ALA B 101 2.87 -7.17 21.92
C ALA B 101 3.43 -5.85 22.42
N THR B 102 3.25 -5.60 23.72
CA THR B 102 3.72 -4.36 24.32
C THR B 102 5.20 -4.15 24.05
N ASN B 103 6.01 -5.19 24.23
CA ASN B 103 7.39 -5.16 23.81
C ASN B 103 7.48 -5.48 22.33
N PRO B 104 7.92 -4.56 21.47
CA PRO B 104 8.01 -4.86 20.04
C PRO B 104 8.88 -6.05 19.71
N LEU B 105 9.84 -6.40 20.58
CA LEU B 105 10.70 -7.55 20.33
C LEU B 105 9.89 -8.85 20.27
N ALA B 106 8.75 -8.90 20.96
CA ALA B 106 7.88 -10.06 20.96
C ALA B 106 6.63 -9.86 20.11
N SER B 107 6.58 -8.80 19.31
CA SER B 107 5.43 -8.55 18.45
C SER B 107 5.55 -9.34 17.16
N ALA B 108 4.40 -9.68 16.59
CA ALA B 108 4.37 -10.43 15.34
C ALA B 108 4.22 -9.49 14.16
N PRO B 109 4.98 -9.72 13.09
CA PRO B 109 4.78 -8.93 11.86
C PRO B 109 3.35 -9.01 11.39
N GLY B 110 2.86 -7.90 10.84
CA GLY B 110 1.46 -7.72 10.55
C GLY B 110 0.73 -6.87 11.57
N THR B 111 1.24 -6.79 12.80
CA THR B 111 0.74 -5.85 13.79
C THR B 111 1.48 -4.53 13.66
N ILE B 112 0.99 -3.52 14.39
CA ILE B 112 1.56 -2.17 14.28
C ILE B 112 3.00 -2.16 14.77
N ARG B 113 3.24 -2.70 15.96
CA ARG B 113 4.60 -2.74 16.48
C ARG B 113 5.46 -3.76 15.76
N GLY B 114 4.85 -4.84 15.25
CA GLY B 114 5.59 -5.81 14.46
C GLY B 114 6.04 -5.27 13.11
N ASP B 115 5.46 -4.17 12.65
CA ASP B 115 5.85 -3.54 11.40
C ASP B 115 6.67 -2.27 11.58
N PHE B 116 6.63 -1.65 12.76
CA PHE B 116 7.14 -0.29 12.91
C PHE B 116 8.04 -0.06 14.13
N ALA B 117 8.02 -0.92 15.14
CA ALA B 117 8.65 -0.60 16.42
C ALA B 117 9.72 -1.62 16.78
N ILE B 118 10.61 -1.21 17.69
CA ILE B 118 11.71 -2.05 18.14
C ILE B 118 11.81 -2.03 19.66
N ASP B 119 12.00 -0.84 20.23
CA ASP B 119 12.18 -0.69 21.67
C ASP B 119 10.83 -0.51 22.36
N VAL B 120 10.74 -1.04 23.58
CA VAL B 120 9.50 -0.91 24.35
C VAL B 120 9.29 0.54 24.81
N GLY B 121 10.38 1.25 25.09
CA GLY B 121 10.28 2.67 25.41
C GLY B 121 10.02 3.56 24.22
N ARG B 122 9.97 2.97 23.02
CA ARG B 122 9.62 3.69 21.80
C ARG B 122 8.67 2.83 20.98
N ASN B 123 7.63 2.30 21.63
CA ASN B 123 6.73 1.36 20.99
C ASN B 123 5.51 2.03 20.35
N VAL B 124 5.64 3.31 19.99
CA VAL B 124 4.79 3.97 19.00
C VAL B 124 3.40 4.32 19.53
N CYS B 125 2.74 3.40 20.24
CA CYS B 125 1.33 3.61 20.55
C CYS B 125 1.00 3.05 21.92
N HIS B 126 -0.22 3.36 22.37
CA HIS B 126 -0.78 2.84 23.62
C HIS B 126 -2.21 2.38 23.38
N GLY B 127 -2.57 1.29 24.04
CA GLY B 127 -3.94 0.80 24.01
C GLY B 127 -4.41 0.35 25.39
N SER B 128 -5.67 0.62 25.71
CA SER B 128 -6.23 0.21 26.98
C SER B 128 -6.18 -1.32 27.11
N ASP B 129 -5.85 -1.79 28.30
CA ASP B 129 -5.69 -3.23 28.54
C ASP B 129 -6.98 -3.90 29.01
N SER B 130 -8.01 -3.15 29.35
CA SER B 130 -9.26 -3.74 29.80
C SER B 130 -10.39 -2.74 29.61
N VAL B 131 -11.62 -3.26 29.70
CA VAL B 131 -12.80 -2.41 29.57
C VAL B 131 -12.84 -1.36 30.67
N GLU B 132 -12.52 -1.76 31.90
CA GLU B 132 -12.56 -0.82 33.02
C GLU B 132 -11.50 0.28 32.85
N ASN B 133 -10.28 -0.10 32.47
CA ASN B 133 -9.25 0.91 32.27
C ASN B 133 -9.48 1.74 31.00
N ALA B 134 -10.28 1.23 30.06
CA ALA B 134 -10.62 2.03 28.89
C ALA B 134 -11.53 3.19 29.26
N LYS B 135 -12.59 2.92 30.04
CA LYS B 135 -13.46 3.98 30.50
C LYS B 135 -12.70 4.99 31.34
N LYS B 136 -11.79 4.52 32.18
CA LYS B 136 -10.97 5.43 33.00
C LYS B 136 -10.13 6.34 32.12
N GLU B 137 -9.49 5.79 31.09
CA GLU B 137 -8.62 6.58 30.23
C GLU B 137 -9.41 7.49 29.30
N ILE B 138 -10.60 7.08 28.87
CA ILE B 138 -11.42 7.95 28.03
C ILE B 138 -11.83 9.20 28.80
N ALA B 139 -12.25 9.02 30.05
CA ALA B 139 -12.63 10.18 30.87
C ALA B 139 -11.42 11.04 31.23
N LEU B 140 -10.23 10.44 31.28
CA LEU B 140 -9.03 11.20 31.62
C LEU B 140 -8.59 12.10 30.46
N TRP B 141 -8.71 11.62 29.24
CA TRP B 141 -8.22 12.35 28.07
C TRP B 141 -9.28 13.16 27.34
N PHE B 142 -10.55 12.81 27.50
CA PHE B 142 -11.62 13.42 26.69
C PHE B 142 -12.74 13.94 27.57
N LYS B 143 -13.24 15.12 27.20
CA LYS B 143 -14.53 15.56 27.71
C LYS B 143 -15.63 14.75 27.04
N PRO B 144 -16.76 14.52 27.72
CA PRO B 144 -17.82 13.70 27.12
C PRO B 144 -18.34 14.23 25.80
N GLU B 145 -18.30 15.54 25.58
CA GLU B 145 -18.77 16.11 24.33
C GLU B 145 -17.77 15.97 23.19
N GLU B 146 -16.55 15.54 23.48
CA GLU B 146 -15.58 15.26 22.42
C GLU B 146 -15.81 13.91 21.77
N LEU B 147 -16.69 13.08 22.32
CA LEU B 147 -17.09 11.83 21.68
C LEU B 147 -18.28 12.08 20.78
N ILE B 148 -18.10 11.90 19.48
CA ILE B 148 -19.14 12.17 18.50
C ILE B 148 -20.00 10.92 18.32
N SER B 149 -21.32 11.12 18.29
CA SER B 149 -22.26 10.02 18.13
C SER B 149 -22.67 9.94 16.67
N TRP B 150 -22.37 8.80 16.04
CA TRP B 150 -22.74 8.58 14.64
C TRP B 150 -22.74 7.08 14.37
N LYS B 151 -23.35 6.71 13.24
CA LYS B 151 -23.47 5.32 12.84
C LYS B 151 -22.83 5.13 11.47
N SER B 152 -21.92 4.18 11.36
CA SER B 152 -21.26 3.90 10.10
C SER B 152 -22.26 3.39 9.07
N ALA B 153 -22.09 3.83 7.82
CA ALA B 153 -22.97 3.38 6.75
C ALA B 153 -22.85 1.90 6.47
N THR B 154 -21.75 1.26 6.87
CA THR B 154 -21.52 -0.16 6.65
C THR B 154 -21.61 -0.96 7.94
N PHE B 155 -22.40 -0.47 8.90
CA PHE B 155 -22.55 -1.18 10.17
C PHE B 155 -23.16 -2.57 9.95
N ASP B 156 -24.21 -2.66 9.14
CA ASP B 156 -24.87 -3.93 8.90
C ASP B 156 -24.00 -4.90 8.11
N TRP B 157 -22.89 -4.44 7.54
CA TRP B 157 -21.96 -5.32 6.84
C TRP B 157 -20.73 -5.68 7.65
N VAL B 158 -20.39 -4.87 8.66
CA VAL B 158 -19.33 -5.23 9.58
C VAL B 158 -19.86 -6.18 10.65
N TYR B 159 -21.07 -5.95 11.13
CA TYR B 159 -21.64 -6.69 12.25
C TYR B 159 -22.87 -7.46 11.81
N GLU B 160 -23.01 -8.68 12.33
CA GLU B 160 -24.20 -9.48 12.16
C GLU B 160 -25.23 -9.26 13.27
N LYS B 161 -24.87 -8.50 14.30
CA LYS B 161 -25.73 -8.25 15.44
C LYS B 161 -25.26 -6.99 16.14
N ALA B 162 -26.10 -6.47 17.03
CA ALA B 162 -25.79 -5.25 17.76
C ALA B 162 -24.67 -5.46 18.78
N MET C 10 1.71 -31.63 -7.15
CA MET C 10 1.11 -31.05 -5.96
C MET C 10 0.79 -29.57 -6.20
N SER C 11 1.53 -28.95 -7.13
CA SER C 11 1.35 -27.53 -7.41
C SER C 11 0.10 -27.25 -8.22
N ASN C 12 -0.61 -28.27 -8.70
CA ASN C 12 -1.87 -28.08 -9.38
C ASN C 12 -3.07 -28.24 -8.44
N GLU C 13 -2.83 -28.26 -7.14
CA GLU C 13 -3.92 -28.31 -6.18
C GLU C 13 -4.78 -27.06 -6.30
N GLN C 14 -6.10 -27.25 -6.26
CA GLN C 14 -7.04 -26.15 -6.42
C GLN C 14 -7.86 -25.99 -5.14
N THR C 15 -8.30 -24.76 -4.90
CA THR C 15 -9.20 -24.46 -3.80
C THR C 15 -10.26 -23.49 -4.29
N PHE C 16 -11.36 -23.41 -3.55
CA PHE C 16 -12.45 -22.49 -3.85
C PHE C 16 -12.43 -21.35 -2.84
N ILE C 17 -12.24 -20.13 -3.33
CA ILE C 17 -12.26 -18.93 -2.49
C ILE C 17 -13.40 -18.04 -2.99
N ALA C 18 -14.24 -17.59 -2.06
CA ALA C 18 -15.35 -16.72 -2.38
C ALA C 18 -15.30 -15.50 -1.48
N ILE C 19 -15.57 -14.34 -2.07
CA ILE C 19 -15.72 -13.10 -1.30
C ILE C 19 -17.21 -12.92 -1.01
N LYS C 20 -17.56 -12.96 0.27
CA LYS C 20 -18.96 -12.89 0.69
C LYS C 20 -19.51 -11.49 0.44
N PRO C 21 -20.85 -11.33 0.47
CA PRO C 21 -21.44 -10.01 0.17
C PRO C 21 -20.87 -8.86 0.99
N ASP C 22 -20.55 -9.08 2.26
CA ASP C 22 -19.97 -8.00 3.06
C ASP C 22 -18.60 -7.59 2.54
N GLY C 23 -17.82 -8.56 2.05
CA GLY C 23 -16.55 -8.21 1.43
C GLY C 23 -16.73 -7.39 0.16
N VAL C 24 -17.71 -7.76 -0.66
CA VAL C 24 -18.01 -6.97 -1.85
C VAL C 24 -18.55 -5.60 -1.46
N GLN C 25 -19.44 -5.55 -0.47
CA GLN C 25 -20.08 -4.28 -0.09
C GLN C 25 -19.07 -3.30 0.47
N ARG C 26 -18.12 -3.79 1.27
CA ARG C 26 -17.13 -2.94 1.91
C ARG C 26 -15.95 -2.60 1.00
N GLY C 27 -15.99 -3.03 -0.26
CA GLY C 27 -14.94 -2.72 -1.21
C GLY C 27 -13.63 -3.42 -0.91
N LEU C 28 -13.67 -4.75 -0.81
CA LEU C 28 -12.49 -5.54 -0.46
C LEU C 28 -12.13 -6.53 -1.55
N ILE C 29 -12.64 -6.36 -2.77
CA ILE C 29 -12.34 -7.31 -3.84
C ILE C 29 -10.88 -7.24 -4.23
N GLY C 30 -10.38 -6.02 -4.48
CA GLY C 30 -9.00 -5.80 -4.84
C GLY C 30 -7.99 -6.33 -3.83
N PRO C 31 -8.06 -5.83 -2.59
CA PRO C 31 -7.10 -6.28 -1.58
C PRO C 31 -7.11 -7.79 -1.33
N ILE C 32 -8.26 -8.45 -1.44
CA ILE C 32 -8.31 -9.89 -1.23
C ILE C 32 -7.64 -10.62 -2.39
N ILE C 33 -7.91 -10.19 -3.62
CA ILE C 33 -7.29 -10.83 -4.78
C ILE C 33 -5.78 -10.62 -4.76
N SER C 34 -5.34 -9.41 -4.39
CA SER C 34 -3.91 -9.14 -4.29
C SER C 34 -3.23 -10.06 -3.28
N ARG C 35 -3.94 -10.42 -2.21
CA ARG C 35 -3.35 -11.27 -1.17
C ARG C 35 -2.96 -12.63 -1.76
N PHE C 36 -3.85 -13.22 -2.57
CA PHE C 36 -3.51 -14.48 -3.23
C PHE C 36 -2.57 -14.27 -4.41
N GLU C 37 -2.71 -13.16 -5.12
CA GLU C 37 -1.78 -12.86 -6.21
C GLU C 37 -0.36 -12.74 -5.70
N ASN C 38 -0.16 -11.96 -4.63
CA ASN C 38 1.19 -11.75 -4.10
C ASN C 38 1.80 -13.04 -3.57
N ARG C 39 0.99 -13.94 -3.00
CA ARG C 39 1.51 -15.18 -2.48
C ARG C 39 2.09 -16.07 -3.58
N GLY C 40 1.65 -15.89 -4.82
CA GLY C 40 2.13 -16.68 -5.94
C GLY C 40 1.13 -17.69 -6.47
N PHE C 41 -0.10 -17.68 -5.98
CA PHE C 41 -1.11 -18.60 -6.47
C PHE C 41 -1.67 -18.10 -7.80
N LYS C 42 -2.19 -19.05 -8.59
CA LYS C 42 -2.71 -18.77 -9.92
C LYS C 42 -4.23 -18.79 -9.89
N LEU C 43 -4.84 -17.70 -10.37
CA LEU C 43 -6.29 -17.63 -10.49
C LEU C 43 -6.71 -18.30 -11.80
N VAL C 44 -7.51 -19.36 -11.70
CA VAL C 44 -7.94 -20.10 -12.88
C VAL C 44 -9.43 -19.98 -13.15
N ALA C 45 -10.19 -19.33 -12.27
CA ALA C 45 -11.62 -19.14 -12.47
C ALA C 45 -12.10 -18.05 -11.54
N MET C 46 -13.00 -17.19 -12.04
CA MET C 46 -13.57 -16.13 -11.23
C MET C 46 -14.81 -15.58 -11.91
N LYS C 47 -15.82 -15.24 -11.12
CA LYS C 47 -17.02 -14.60 -11.62
C LYS C 47 -17.77 -13.96 -10.46
N LEU C 48 -18.37 -12.79 -10.73
CA LEU C 48 -19.29 -12.17 -9.79
C LEU C 48 -20.66 -12.78 -9.99
N VAL C 49 -21.23 -13.34 -8.93
CA VAL C 49 -22.40 -14.20 -9.04
C VAL C 49 -23.39 -13.88 -7.94
N SER C 50 -24.67 -14.14 -8.21
CA SER C 50 -25.75 -14.06 -7.23
C SER C 50 -26.47 -15.40 -7.27
N PRO C 51 -25.92 -16.43 -6.62
CA PRO C 51 -26.42 -17.80 -6.81
C PRO C 51 -27.79 -17.97 -6.18
N PRO C 52 -28.56 -18.97 -6.63
CA PRO C 52 -29.87 -19.22 -6.03
C PRO C 52 -29.76 -19.75 -4.62
N GLN C 53 -30.86 -19.61 -3.87
CA GLN C 53 -30.91 -20.09 -2.49
C GLN C 53 -30.66 -21.59 -2.41
N SER C 54 -31.06 -22.34 -3.45
CA SER C 54 -30.83 -23.78 -3.45
C SER C 54 -29.35 -24.11 -3.50
N GLN C 55 -28.58 -23.39 -4.31
CA GLN C 55 -27.14 -23.64 -4.42
C GLN C 55 -26.43 -23.31 -3.12
N LEU C 56 -26.85 -22.22 -2.45
CA LEU C 56 -26.21 -21.86 -1.18
C LEU C 56 -26.50 -22.88 -0.10
N GLU C 57 -27.75 -23.37 -0.03
CA GLU C 57 -28.06 -24.42 0.93
C GLU C 57 -27.35 -25.73 0.57
N GLN C 58 -27.08 -25.95 -0.72
CA GLN C 58 -26.22 -27.07 -1.10
C GLN C 58 -24.78 -26.83 -0.68
N HIS C 59 -24.34 -25.57 -0.71
CA HIS C 59 -22.98 -25.26 -0.28
C HIS C 59 -22.80 -25.53 1.21
N TYR C 60 -23.67 -24.96 2.04
CA TYR C 60 -23.67 -25.20 3.48
C TYR C 60 -24.52 -26.40 3.87
N ALA C 61 -24.48 -27.48 3.10
CA ALA C 61 -25.33 -28.63 3.38
C ALA C 61 -24.90 -29.33 4.67
N ASP C 62 -23.59 -29.42 4.90
CA ASP C 62 -23.07 -30.08 6.09
C ASP C 62 -23.40 -29.34 7.38
N LEU C 63 -24.05 -28.16 7.31
CA LEU C 63 -24.41 -27.39 8.50
C LEU C 63 -25.91 -27.08 8.52
N SER C 64 -26.71 -27.91 7.85
CA SER C 64 -28.13 -27.62 7.68
C SER C 64 -28.93 -27.73 8.95
N ASP C 65 -28.37 -28.31 10.03
CA ASP C 65 -29.08 -28.43 11.29
C ASP C 65 -28.49 -27.55 12.39
N LYS C 66 -27.36 -26.89 12.14
CA LYS C 66 -26.81 -25.96 13.11
C LYS C 66 -27.76 -24.78 13.30
N PRO C 67 -27.70 -24.11 14.47
CA PRO C 67 -28.64 -23.01 14.71
C PRO C 67 -28.46 -21.83 13.77
N PHE C 68 -27.23 -21.53 13.36
CA PHE C 68 -26.94 -20.35 12.54
C PHE C 68 -27.19 -20.57 11.05
N PHE C 69 -27.85 -21.66 10.66
CA PHE C 69 -27.97 -21.97 9.24
C PHE C 69 -28.93 -21.02 8.53
N LYS C 70 -30.03 -20.66 9.19
CA LYS C 70 -31.05 -19.82 8.54
C LYS C 70 -30.50 -18.45 8.17
N GLY C 71 -29.90 -17.76 9.16
CA GLY C 71 -29.33 -16.46 8.91
C GLY C 71 -28.14 -16.47 7.97
N LEU C 72 -27.44 -17.61 7.89
CA LEU C 72 -26.31 -17.71 6.98
C LEU C 72 -26.77 -17.69 5.53
N VAL C 73 -27.92 -18.28 5.23
CA VAL C 73 -28.40 -18.35 3.85
C VAL C 73 -28.87 -16.97 3.39
N SER C 74 -29.69 -16.30 4.19
CA SER C 74 -30.24 -15.01 3.79
C SER C 74 -29.16 -13.94 3.69
N TYR C 75 -28.07 -14.09 4.44
CA TYR C 75 -26.98 -13.12 4.38
C TYR C 75 -26.09 -13.37 3.17
N MET C 76 -25.86 -14.64 2.81
CA MET C 76 -25.16 -14.94 1.57
C MET C 76 -26.01 -14.61 0.35
N LEU C 77 -27.32 -14.42 0.53
CA LEU C 77 -28.21 -13.98 -0.54
C LEU C 77 -28.34 -12.46 -0.62
N SER C 78 -27.82 -11.72 0.36
CA SER C 78 -28.06 -10.29 0.47
C SER C 78 -27.17 -9.45 -0.44
N GLY C 79 -26.30 -10.07 -1.23
CA GLY C 79 -25.44 -9.32 -2.12
C GLY C 79 -24.63 -10.19 -3.05
N PRO C 80 -23.86 -9.57 -3.94
CA PRO C 80 -23.06 -10.34 -4.88
C PRO C 80 -21.93 -11.08 -4.18
N ILE C 81 -21.53 -12.20 -4.78
CA ILE C 81 -20.42 -13.01 -4.30
C ILE C 81 -19.40 -13.13 -5.41
N CYS C 82 -18.13 -12.92 -5.09
CA CYS C 82 -17.04 -13.08 -6.03
C CYS C 82 -16.44 -14.47 -5.83
N ALA C 83 -16.86 -15.42 -6.66
CA ALA C 83 -16.36 -16.78 -6.57
C ALA C 83 -15.06 -16.92 -7.34
N MET C 84 -14.13 -17.70 -6.80
CA MET C 84 -12.80 -17.85 -7.38
C MET C 84 -12.31 -19.26 -7.17
N VAL C 85 -11.43 -19.71 -8.07
CA VAL C 85 -10.69 -20.95 -7.92
C VAL C 85 -9.21 -20.62 -8.05
N TRP C 86 -8.45 -20.90 -6.99
CA TRP C 86 -7.02 -20.62 -6.95
C TRP C 86 -6.24 -21.93 -6.96
N GLU C 87 -5.15 -21.95 -7.72
CA GLU C 87 -4.37 -23.15 -7.95
C GLU C 87 -2.95 -22.95 -7.44
N GLY C 88 -2.44 -23.93 -6.71
CA GLY C 88 -1.10 -23.85 -6.17
C GLY C 88 -0.85 -24.94 -5.17
N ARG C 89 0.42 -25.09 -4.81
CA ARG C 89 0.80 -26.12 -3.84
C ARG C 89 0.24 -25.77 -2.47
N ASP C 90 -0.49 -26.73 -1.88
CA ASP C 90 -1.13 -26.57 -0.57
C ASP C 90 -2.03 -25.34 -0.53
N VAL C 91 -2.65 -25.00 -1.66
CA VAL C 91 -3.48 -23.81 -1.75
C VAL C 91 -4.71 -23.91 -0.85
N VAL C 92 -5.13 -25.13 -0.51
CA VAL C 92 -6.28 -25.27 0.39
C VAL C 92 -5.89 -24.89 1.81
N LYS C 93 -4.79 -25.44 2.31
CA LYS C 93 -4.35 -25.14 3.65
C LYS C 93 -3.77 -23.73 3.75
N THR C 94 -2.85 -23.39 2.85
CA THR C 94 -2.27 -22.05 2.85
C THR C 94 -3.33 -20.99 2.56
N GLY C 95 -4.31 -21.30 1.72
CA GLY C 95 -5.38 -20.35 1.45
C GLY C 95 -6.17 -20.00 2.68
N ARG C 96 -6.53 -21.01 3.49
CA ARG C 96 -7.24 -20.74 4.73
C ARG C 96 -6.36 -20.00 5.74
N THR C 97 -5.06 -20.29 5.74
CA THR C 97 -4.14 -19.54 6.60
C THR C 97 -4.11 -18.07 6.19
N ILE C 98 -4.17 -17.80 4.88
CA ILE C 98 -4.20 -16.41 4.41
C ILE C 98 -5.50 -15.73 4.85
N LEU C 99 -6.63 -16.43 4.76
CA LEU C 99 -7.89 -15.86 5.20
C LEU C 99 -7.90 -15.60 6.70
N GLY C 100 -7.16 -16.40 7.47
CA GLY C 100 -7.18 -16.29 8.91
C GLY C 100 -8.23 -17.18 9.55
N ALA C 101 -8.23 -17.17 10.88
CA ALA C 101 -9.18 -17.98 11.64
C ALA C 101 -10.61 -17.66 11.23
N THR C 102 -11.45 -18.71 11.18
CA THR C 102 -12.84 -18.54 10.75
C THR C 102 -13.55 -17.46 11.56
N ASN C 103 -13.34 -17.45 12.88
CA ASN C 103 -13.84 -16.37 13.71
C ASN C 103 -12.82 -15.24 13.73
N PRO C 104 -13.15 -14.04 13.23
CA PRO C 104 -12.14 -12.98 13.16
C PRO C 104 -11.60 -12.57 14.51
N LEU C 105 -12.32 -12.80 15.61
CA LEU C 105 -11.79 -12.49 16.92
C LEU C 105 -10.58 -13.35 17.28
N ALA C 106 -10.45 -14.51 16.64
CA ALA C 106 -9.31 -15.39 16.83
C ALA C 106 -8.31 -15.30 15.68
N SER C 107 -8.55 -14.44 14.71
CA SER C 107 -7.63 -14.28 13.60
C SER C 107 -6.46 -13.37 14.00
N ALA C 108 -5.38 -13.46 13.24
CA ALA C 108 -4.19 -12.67 13.52
C ALA C 108 -4.03 -11.55 12.50
N PRO C 109 -3.57 -10.38 12.93
CA PRO C 109 -3.27 -9.31 11.98
C PRO C 109 -2.25 -9.78 10.94
N GLY C 110 -2.44 -9.35 9.70
CA GLY C 110 -1.72 -9.86 8.57
C GLY C 110 -2.51 -10.80 7.70
N THR C 111 -3.55 -11.42 8.25
CA THR C 111 -4.49 -12.21 7.48
C THR C 111 -5.66 -11.33 7.02
N ILE C 112 -6.47 -11.86 6.12
CA ILE C 112 -7.59 -11.09 5.56
C ILE C 112 -8.59 -10.75 6.66
N ARG C 113 -9.03 -11.75 7.41
CA ARG C 113 -9.94 -11.47 8.53
C ARG C 113 -9.23 -10.72 9.64
N GLY C 114 -7.93 -10.95 9.84
CA GLY C 114 -7.18 -10.23 10.85
C GLY C 114 -7.02 -8.76 10.55
N ASP C 115 -7.18 -8.35 9.28
CA ASP C 115 -7.06 -6.96 8.90
C ASP C 115 -8.41 -6.29 8.63
N PHE C 116 -9.47 -7.05 8.38
CA PHE C 116 -10.71 -6.50 7.83
C PHE C 116 -11.99 -6.88 8.55
N ALA C 117 -12.01 -7.94 9.36
CA ALA C 117 -13.26 -8.49 9.85
C ALA C 117 -13.30 -8.53 11.38
N ILE C 118 -14.52 -8.73 11.90
CA ILE C 118 -14.76 -8.76 13.34
C ILE C 118 -15.69 -9.92 13.69
N ASP C 119 -16.90 -9.91 13.12
CA ASP C 119 -17.90 -10.93 13.42
C ASP C 119 -17.74 -12.14 12.53
N VAL C 120 -18.02 -13.33 13.08
CA VAL C 120 -17.90 -14.55 12.31
C VAL C 120 -18.98 -14.62 11.24
N GLY C 121 -20.16 -14.06 11.50
CA GLY C 121 -21.19 -13.99 10.47
C GLY C 121 -20.93 -12.95 9.40
N ARG C 122 -19.87 -12.16 9.56
CA ARG C 122 -19.44 -11.19 8.57
C ARG C 122 -17.94 -11.33 8.34
N ASN C 123 -17.49 -12.59 8.19
CA ASN C 123 -16.06 -12.88 8.06
C ASN C 123 -15.55 -12.73 6.62
N VAL C 124 -16.30 -12.06 5.76
CA VAL C 124 -15.81 -11.46 4.52
C VAL C 124 -15.55 -12.50 3.41
N CYS C 125 -14.99 -13.64 3.78
N CYS C 125 -14.96 -13.64 3.78
CA CYS C 125 -14.54 -14.61 2.79
CA CYS C 125 -14.53 -14.62 2.79
C CYS C 125 -14.88 -16.03 3.24
C CYS C 125 -14.91 -16.03 3.23
N HIS C 126 -14.73 -16.96 2.30
CA HIS C 126 -14.88 -18.39 2.58
C HIS C 126 -13.79 -19.13 1.83
N GLY C 127 -13.21 -20.12 2.48
CA GLY C 127 -12.23 -20.99 1.84
C GLY C 127 -12.53 -22.44 2.14
N SER C 128 -12.30 -23.29 1.14
CA SER C 128 -12.48 -24.73 1.32
C SER C 128 -11.53 -25.24 2.41
N ASP C 129 -12.04 -26.12 3.25
CA ASP C 129 -11.29 -26.62 4.39
C ASP C 129 -10.52 -27.90 4.10
N SER C 130 -10.67 -28.47 2.90
CA SER C 130 -9.93 -29.68 2.55
C SER C 130 -9.92 -29.82 1.03
N VAL C 131 -8.97 -30.62 0.54
CA VAL C 131 -8.84 -30.84 -0.90
C VAL C 131 -10.11 -31.47 -1.46
N GLU C 132 -10.70 -32.41 -0.72
N GLU C 132 -10.69 -32.40 -0.72
CA GLU C 132 -11.90 -33.07 -1.21
CA GLU C 132 -11.91 -33.09 -1.18
C GLU C 132 -13.11 -32.14 -1.18
C GLU C 132 -13.10 -32.15 -1.17
N ASN C 133 -13.23 -31.32 -0.14
CA ASN C 133 -14.31 -30.34 -0.09
C ASN C 133 -14.15 -29.27 -1.16
N ALA C 134 -12.91 -28.90 -1.48
CA ALA C 134 -12.67 -27.96 -2.56
C ALA C 134 -13.15 -28.50 -3.89
N LYS C 135 -12.81 -29.77 -4.18
CA LYS C 135 -13.25 -30.40 -5.43
C LYS C 135 -14.77 -30.40 -5.54
N LYS C 136 -15.47 -30.58 -4.42
CA LYS C 136 -16.92 -30.55 -4.44
C LYS C 136 -17.45 -29.13 -4.59
N GLU C 137 -16.83 -28.17 -3.89
CA GLU C 137 -17.27 -26.79 -4.00
C GLU C 137 -16.98 -26.22 -5.39
N ILE C 138 -15.86 -26.62 -5.99
CA ILE C 138 -15.54 -26.17 -7.34
C ILE C 138 -16.61 -26.65 -8.33
N ALA C 139 -16.97 -27.93 -8.24
CA ALA C 139 -17.99 -28.46 -9.15
C ALA C 139 -19.35 -27.82 -8.92
N LEU C 140 -19.66 -27.47 -7.66
CA LEU C 140 -20.96 -26.88 -7.38
C LEU C 140 -21.04 -25.43 -7.85
N TRP C 141 -19.94 -24.69 -7.74
CA TRP C 141 -19.96 -23.26 -8.03
C TRP C 141 -19.56 -22.92 -9.46
N PHE C 142 -18.77 -23.76 -10.11
CA PHE C 142 -18.30 -23.50 -11.46
C PHE C 142 -18.61 -24.68 -12.36
N LYS C 143 -19.01 -24.38 -13.59
CA LYS C 143 -19.05 -25.41 -14.61
C LYS C 143 -17.67 -25.59 -15.23
N PRO C 144 -17.35 -26.78 -15.74
CA PRO C 144 -15.97 -27.07 -16.15
C PRO C 144 -15.36 -26.06 -17.11
N GLU C 145 -16.15 -25.45 -18.01
CA GLU C 145 -15.58 -24.55 -18.99
C GLU C 145 -15.12 -23.22 -18.40
N GLU C 146 -15.47 -22.94 -17.14
CA GLU C 146 -15.12 -21.69 -16.50
C GLU C 146 -13.74 -21.73 -15.85
N LEU C 147 -13.09 -22.89 -15.81
CA LEU C 147 -11.73 -23.02 -15.29
C LEU C 147 -10.77 -22.82 -16.45
N ILE C 148 -10.03 -21.72 -16.43
CA ILE C 148 -9.16 -21.33 -17.54
C ILE C 148 -7.80 -22.00 -17.37
N SER C 149 -7.25 -22.50 -18.47
CA SER C 149 -5.96 -23.19 -18.48
C SER C 149 -4.89 -22.23 -18.96
N TRP C 150 -3.91 -21.95 -18.10
CA TRP C 150 -2.79 -21.09 -18.46
C TRP C 150 -1.63 -21.36 -17.52
N LYS C 151 -0.45 -20.88 -17.91
CA LYS C 151 0.78 -21.09 -17.17
C LYS C 151 1.38 -19.73 -16.84
N SER C 152 1.63 -19.48 -15.57
CA SER C 152 2.21 -18.21 -15.15
C SER C 152 3.65 -18.08 -15.64
N ALA C 153 4.02 -16.87 -16.05
CA ALA C 153 5.37 -16.63 -16.55
C ALA C 153 6.43 -16.81 -15.48
N THR C 154 6.06 -16.65 -14.20
CA THR C 154 6.98 -16.82 -13.09
C THR C 154 6.77 -18.14 -12.35
N PHE C 155 6.26 -19.15 -13.04
CA PHE C 155 5.97 -20.44 -12.41
C PHE C 155 7.23 -21.08 -11.86
N ASP C 156 8.33 -21.03 -12.61
CA ASP C 156 9.58 -21.65 -12.17
C ASP C 156 10.31 -20.83 -11.13
N TRP C 157 9.89 -19.59 -10.89
CA TRP C 157 10.44 -18.79 -9.79
C TRP C 157 9.62 -18.91 -8.52
N VAL C 158 8.37 -19.33 -8.62
CA VAL C 158 7.54 -19.64 -7.46
C VAL C 158 7.79 -21.05 -6.97
N TYR C 159 7.91 -22.01 -7.89
CA TYR C 159 8.04 -23.42 -7.53
C TYR C 159 9.39 -23.96 -7.97
N GLU C 160 10.02 -24.74 -7.09
CA GLU C 160 11.26 -25.41 -7.43
C GLU C 160 11.03 -26.66 -8.28
N LYS C 161 9.85 -27.25 -8.20
CA LYS C 161 9.53 -28.49 -8.92
C LYS C 161 8.00 -28.65 -8.89
N ALA C 162 7.54 -29.81 -9.37
CA ALA C 162 6.12 -30.16 -9.36
C ALA C 162 5.24 -29.11 -10.02
N SER D 9 23.03 -6.41 24.02
CA SER D 9 22.13 -6.27 22.89
C SER D 9 21.96 -4.80 22.52
N MET D 10 22.97 -4.22 21.90
CA MET D 10 22.95 -2.81 21.54
C MET D 10 22.25 -2.61 20.20
N SER D 11 22.12 -1.35 19.80
CA SER D 11 21.44 -0.98 18.56
C SER D 11 22.35 -1.01 17.35
N ASN D 12 23.62 -1.41 17.51
CA ASN D 12 24.54 -1.51 16.38
C ASN D 12 24.74 -2.95 15.93
N GLU D 13 23.92 -3.88 16.41
CA GLU D 13 23.97 -5.24 15.89
C GLU D 13 23.61 -5.25 14.41
N GLN D 14 24.31 -6.07 13.65
CA GLN D 14 24.14 -6.14 12.21
C GLN D 14 23.79 -7.57 11.78
N THR D 15 23.07 -7.68 10.67
CA THR D 15 22.73 -8.98 10.08
C THR D 15 22.91 -8.88 8.57
N PHE D 16 22.91 -10.05 7.93
CA PHE D 16 23.03 -10.14 6.48
C PHE D 16 21.70 -10.62 5.91
N ILE D 17 21.05 -9.75 5.14
CA ILE D 17 19.81 -10.09 4.44
C ILE D 17 20.11 -10.10 2.95
N ALA D 18 19.69 -11.16 2.27
CA ALA D 18 19.89 -11.28 0.84
C ALA D 18 18.55 -11.57 0.17
N ILE D 19 18.27 -10.88 -0.93
CA ILE D 19 17.12 -11.17 -1.77
C ILE D 19 17.57 -12.15 -2.83
N LYS D 20 17.02 -13.37 -2.80
CA LYS D 20 17.42 -14.43 -3.69
C LYS D 20 16.96 -14.12 -5.11
N PRO D 21 17.47 -14.86 -6.11
CA PRO D 21 17.08 -14.55 -7.51
C PRO D 21 15.60 -14.60 -7.78
N ASP D 22 14.85 -15.49 -7.13
CA ASP D 22 13.40 -15.53 -7.34
C ASP D 22 12.74 -14.25 -6.81
N GLY D 23 13.24 -13.73 -5.68
CA GLY D 23 12.73 -12.47 -5.19
C GLY D 23 13.03 -11.30 -6.12
N VAL D 24 14.18 -11.34 -6.78
CA VAL D 24 14.52 -10.31 -7.76
C VAL D 24 13.64 -10.44 -9.00
N GLN D 25 13.49 -11.67 -9.49
CA GLN D 25 12.71 -11.90 -10.71
C GLN D 25 11.25 -11.54 -10.52
N ARG D 26 10.70 -11.72 -9.32
CA ARG D 26 9.29 -11.48 -9.06
C ARG D 26 9.01 -10.06 -8.57
N GLY D 27 9.99 -9.16 -8.66
CA GLY D 27 9.75 -7.77 -8.33
C GLY D 27 9.51 -7.48 -6.86
N LEU D 28 10.28 -8.11 -5.97
CA LEU D 28 10.08 -7.96 -4.54
C LEU D 28 11.19 -7.17 -3.87
N ILE D 29 12.04 -6.48 -4.63
CA ILE D 29 13.13 -5.71 -4.04
C ILE D 29 12.57 -4.60 -3.16
N GLY D 30 11.69 -3.78 -3.72
CA GLY D 30 11.09 -2.68 -3.01
C GLY D 30 10.33 -3.09 -1.75
N PRO D 31 9.34 -3.98 -1.89
CA PRO D 31 8.57 -4.40 -0.71
C PRO D 31 9.41 -4.99 0.40
N ILE D 32 10.41 -5.81 0.08
CA ILE D 32 11.26 -6.40 1.11
C ILE D 32 12.06 -5.33 1.82
N ILE D 33 12.63 -4.38 1.06
CA ILE D 33 13.39 -3.29 1.67
C ILE D 33 12.49 -2.43 2.55
N SER D 34 11.25 -2.22 2.12
CA SER D 34 10.31 -1.42 2.92
C SER D 34 10.01 -2.10 4.25
N ARG D 35 10.00 -3.43 4.28
CA ARG D 35 9.72 -4.13 5.54
C ARG D 35 10.77 -3.80 6.59
N PHE D 36 12.04 -3.69 6.18
CA PHE D 36 13.11 -3.36 7.11
C PHE D 36 13.20 -1.86 7.36
N GLU D 37 12.93 -1.03 6.35
CA GLU D 37 12.92 0.41 6.56
C GLU D 37 11.83 0.81 7.53
N ASN D 38 10.62 0.27 7.36
CA ASN D 38 9.50 0.66 8.20
C ASN D 38 9.69 0.20 9.64
N ARG D 39 10.33 -0.96 9.86
CA ARG D 39 10.54 -1.44 11.21
C ARG D 39 11.47 -0.53 12.00
N GLY D 40 12.34 0.23 11.32
CA GLY D 40 13.25 1.12 11.99
C GLY D 40 14.71 0.75 11.89
N PHE D 41 15.06 -0.27 11.12
CA PHE D 41 16.45 -0.68 10.99
C PHE D 41 17.18 0.20 9.98
N LYS D 42 18.50 0.25 10.12
CA LYS D 42 19.35 1.10 9.29
C LYS D 42 20.07 0.25 8.25
N LEU D 43 19.98 0.66 6.99
CA LEU D 43 20.69 0.00 5.91
C LEU D 43 22.09 0.59 5.79
N VAL D 44 23.11 -0.24 6.03
CA VAL D 44 24.49 0.22 5.99
C VAL D 44 25.26 -0.30 4.79
N ALA D 45 24.74 -1.30 4.08
CA ALA D 45 25.42 -1.81 2.91
C ALA D 45 24.41 -2.49 2.00
N MET D 46 24.55 -2.27 0.70
CA MET D 46 23.66 -2.89 -0.28
C MET D 46 24.33 -2.89 -1.63
N LYS D 47 24.14 -3.98 -2.40
CA LYS D 47 24.64 -4.07 -3.76
C LYS D 47 24.00 -5.24 -4.50
N LEU D 48 23.58 -4.99 -5.75
CA LEU D 48 23.12 -6.07 -6.61
C LEU D 48 24.34 -6.79 -7.18
N VAL D 49 24.45 -8.09 -6.91
N VAL D 49 24.44 -8.10 -6.93
CA VAL D 49 25.62 -8.86 -7.28
CA VAL D 49 25.64 -8.87 -7.23
C VAL D 49 25.17 -10.21 -7.85
C VAL D 49 25.26 -10.25 -7.73
N SER D 50 26.01 -10.76 -8.72
CA SER D 50 25.89 -12.14 -9.18
C SER D 50 27.20 -12.82 -8.80
N PRO D 51 27.33 -13.26 -7.54
CA PRO D 51 28.65 -13.67 -7.03
C PRO D 51 29.11 -14.97 -7.66
N PRO D 52 30.41 -15.26 -7.62
CA PRO D 52 30.89 -16.53 -8.15
C PRO D 52 30.42 -17.70 -7.32
N GLN D 53 30.44 -18.89 -7.95
CA GLN D 53 29.91 -20.08 -7.31
C GLN D 53 30.67 -20.44 -6.04
N SER D 54 31.98 -20.15 -6.01
CA SER D 54 32.77 -20.48 -4.82
C SER D 54 32.30 -19.71 -3.60
N GLN D 55 31.91 -18.44 -3.80
CA GLN D 55 31.38 -17.65 -2.69
C GLN D 55 30.04 -18.20 -2.20
N LEU D 56 29.19 -18.63 -3.12
CA LEU D 56 27.92 -19.22 -2.73
C LEU D 56 28.10 -20.54 -2.02
N GLU D 57 29.02 -21.38 -2.51
CA GLU D 57 29.29 -22.65 -1.82
C GLU D 57 29.89 -22.42 -0.44
N GLN D 58 30.72 -21.38 -0.30
CA GLN D 58 31.22 -21.00 1.03
C GLN D 58 30.10 -20.47 1.91
N HIS D 59 29.12 -19.77 1.31
CA HIS D 59 27.98 -19.28 2.07
C HIS D 59 27.18 -20.44 2.66
N TYR D 60 26.89 -21.45 1.85
CA TYR D 60 26.18 -22.65 2.30
C TYR D 60 27.13 -23.81 2.57
N ALA D 61 28.29 -23.52 3.17
CA ALA D 61 29.29 -24.55 3.41
C ALA D 61 28.76 -25.64 4.34
N ASP D 62 27.92 -25.28 5.29
CA ASP D 62 27.34 -26.26 6.22
C ASP D 62 26.33 -27.18 5.55
N LEU D 63 26.09 -27.01 4.25
CA LEU D 63 25.13 -27.84 3.52
C LEU D 63 25.77 -28.57 2.34
N SER D 64 27.10 -28.57 2.25
CA SER D 64 27.76 -29.12 1.06
C SER D 64 27.52 -30.61 0.88
N ASP D 65 27.05 -31.31 1.93
CA ASP D 65 26.74 -32.72 1.82
C ASP D 65 25.26 -33.00 1.64
N LYS D 66 24.39 -32.03 1.96
CA LYS D 66 22.96 -32.22 1.82
C LYS D 66 22.59 -32.54 0.37
N PRO D 67 21.53 -33.32 0.15
CA PRO D 67 21.20 -33.72 -1.23
C PRO D 67 20.82 -32.56 -2.13
N PHE D 68 20.15 -31.54 -1.59
CA PHE D 68 19.69 -30.40 -2.38
C PHE D 68 20.77 -29.35 -2.61
N PHE D 69 22.04 -29.68 -2.33
CA PHE D 69 23.09 -28.65 -2.34
C PHE D 69 23.32 -28.11 -3.74
N LYS D 70 23.60 -28.99 -4.71
CA LYS D 70 23.90 -28.52 -6.06
C LYS D 70 22.71 -27.83 -6.69
N GLY D 71 21.49 -28.32 -6.42
CA GLY D 71 20.30 -27.63 -6.88
C GLY D 71 20.13 -26.28 -6.23
N LEU D 72 20.54 -26.14 -4.96
CA LEU D 72 20.48 -24.85 -4.29
C LEU D 72 21.52 -23.89 -4.87
N VAL D 73 22.75 -24.39 -5.09
CA VAL D 73 23.80 -23.53 -5.63
C VAL D 73 23.46 -23.08 -7.04
N SER D 74 22.92 -23.99 -7.86
CA SER D 74 22.51 -23.62 -9.21
C SER D 74 21.38 -22.59 -9.17
N TYR D 75 20.48 -22.72 -8.21
CA TYR D 75 19.38 -21.77 -8.09
C TYR D 75 19.86 -20.40 -7.62
N MET D 76 20.86 -20.38 -6.72
CA MET D 76 21.45 -19.10 -6.30
C MET D 76 22.29 -18.44 -7.39
N LEU D 77 22.66 -19.19 -8.43
CA LEU D 77 23.41 -18.64 -9.55
C LEU D 77 22.52 -18.21 -10.72
N SER D 78 21.22 -18.46 -10.64
CA SER D 78 20.32 -18.29 -11.77
C SER D 78 19.89 -16.85 -12.00
N GLY D 79 20.34 -15.90 -11.18
CA GLY D 79 19.95 -14.53 -11.35
C GLY D 79 20.61 -13.60 -10.35
N PRO D 80 20.30 -12.31 -10.44
CA PRO D 80 20.92 -11.35 -9.51
C PRO D 80 20.45 -11.55 -8.09
N ILE D 81 21.30 -11.11 -7.16
CA ILE D 81 21.01 -11.16 -5.73
C ILE D 81 21.19 -9.77 -5.17
N CYS D 82 20.25 -9.34 -4.32
CA CYS D 82 20.37 -8.07 -3.61
C CYS D 82 20.92 -8.37 -2.23
N ALA D 83 22.21 -8.14 -2.04
CA ALA D 83 22.87 -8.34 -0.76
C ALA D 83 22.76 -7.08 0.07
N MET D 84 22.44 -7.25 1.35
CA MET D 84 22.21 -6.12 2.24
C MET D 84 22.78 -6.42 3.62
N VAL D 85 23.18 -5.35 4.31
CA VAL D 85 23.52 -5.40 5.74
C VAL D 85 22.61 -4.40 6.45
N TRP D 86 21.79 -4.89 7.36
CA TRP D 86 20.89 -4.05 8.15
C TRP D 86 21.39 -3.99 9.58
N GLU D 87 21.28 -2.81 10.19
CA GLU D 87 21.77 -2.57 11.54
C GLU D 87 20.63 -2.12 12.43
N GLY D 88 20.60 -2.65 13.64
CA GLY D 88 19.57 -2.30 14.60
C GLY D 88 19.58 -3.25 15.77
N ARG D 89 18.86 -2.86 16.82
CA ARG D 89 18.79 -3.67 18.03
C ARG D 89 18.11 -5.00 17.72
N ASP D 90 18.84 -6.10 17.96
CA ASP D 90 18.31 -7.46 17.77
C ASP D 90 17.86 -7.67 16.33
N VAL D 91 18.58 -7.08 15.38
CA VAL D 91 18.19 -7.17 13.97
C VAL D 91 18.34 -8.58 13.43
N VAL D 92 19.19 -9.42 14.04
CA VAL D 92 19.35 -10.78 13.55
C VAL D 92 18.07 -11.58 13.80
N LYS D 93 17.61 -11.62 15.06
CA LYS D 93 16.43 -12.41 15.38
C LYS D 93 15.17 -11.77 14.82
N THR D 94 15.01 -10.46 15.00
CA THR D 94 13.83 -9.79 14.46
C THR D 94 13.83 -9.83 12.94
N GLY D 95 15.00 -9.73 12.31
CA GLY D 95 15.07 -9.86 10.87
C GLY D 95 14.59 -11.23 10.39
N ARG D 96 14.97 -12.29 11.10
CA ARG D 96 14.48 -13.62 10.77
C ARG D 96 12.98 -13.74 10.98
N THR D 97 12.46 -13.06 12.01
CA THR D 97 11.01 -13.05 12.23
C THR D 97 10.29 -12.28 11.14
N ILE D 98 10.91 -11.20 10.65
CA ILE D 98 10.31 -10.43 9.57
C ILE D 98 10.26 -11.24 8.28
N LEU D 99 11.34 -11.98 7.99
CA LEU D 99 11.35 -12.82 6.79
C LEU D 99 10.33 -13.93 6.87
N GLY D 100 10.05 -14.45 8.05
CA GLY D 100 9.18 -15.58 8.23
C GLY D 100 9.95 -16.89 8.30
N ALA D 101 9.19 -17.96 8.57
CA ALA D 101 9.79 -19.29 8.67
C ALA D 101 10.50 -19.65 7.37
N THR D 102 11.63 -20.36 7.52
CA THR D 102 12.46 -20.71 6.36
C THR D 102 11.65 -21.42 5.28
N ASN D 103 10.77 -22.33 5.68
CA ASN D 103 9.84 -22.95 4.75
C ASN D 103 8.57 -22.13 4.73
N PRO D 104 8.25 -21.42 3.64
CA PRO D 104 7.05 -20.57 3.63
C PRO D 104 5.75 -21.30 3.89
N LEU D 105 5.73 -22.64 3.78
CA LEU D 105 4.53 -23.39 4.15
C LEU D 105 4.20 -23.22 5.63
N ALA D 106 5.21 -22.99 6.46
CA ALA D 106 5.02 -22.79 7.89
C ALA D 106 5.09 -21.33 8.29
N SER D 107 5.13 -20.41 7.33
CA SER D 107 5.26 -19.00 7.63
C SER D 107 3.89 -18.36 7.88
N ALA D 108 3.91 -17.27 8.63
CA ALA D 108 2.68 -16.55 8.95
C ALA D 108 2.48 -15.38 7.99
N PRO D 109 1.25 -15.19 7.51
CA PRO D 109 0.96 -13.99 6.71
C PRO D 109 1.28 -12.74 7.50
N GLY D 110 1.79 -11.72 6.81
CA GLY D 110 2.33 -10.55 7.42
C GLY D 110 3.85 -10.50 7.43
N THR D 111 4.49 -11.65 7.32
CA THR D 111 5.93 -11.72 7.11
C THR D 111 6.21 -11.76 5.60
N ILE D 112 7.50 -11.70 5.24
CA ILE D 112 7.87 -11.65 3.84
C ILE D 112 7.48 -12.95 3.13
N ARG D 113 7.87 -14.09 3.70
CA ARG D 113 7.55 -15.37 3.07
C ARG D 113 6.06 -15.70 3.20
N GLY D 114 5.42 -15.27 4.29
CA GLY D 114 3.99 -15.46 4.42
C GLY D 114 3.14 -14.63 3.48
N ASP D 115 3.75 -13.64 2.82
CA ASP D 115 3.05 -12.81 1.85
C ASP D 115 3.43 -13.10 0.41
N PHE D 116 4.59 -13.70 0.16
CA PHE D 116 5.10 -13.80 -1.21
C PHE D 116 5.66 -15.16 -1.61
N ALA D 117 5.86 -16.11 -0.68
CA ALA D 117 6.59 -17.33 -0.98
C ALA D 117 5.73 -18.56 -0.75
N ILE D 118 6.13 -19.67 -1.38
CA ILE D 118 5.40 -20.93 -1.32
C ILE D 118 6.34 -22.10 -1.07
N ASP D 119 7.39 -22.21 -1.87
CA ASP D 119 8.34 -23.33 -1.77
C ASP D 119 9.58 -22.91 -0.99
N VAL D 120 10.09 -23.84 -0.17
CA VAL D 120 11.31 -23.56 0.59
C VAL D 120 12.49 -23.36 -0.35
N GLY D 121 12.54 -24.12 -1.45
CA GLY D 121 13.57 -23.90 -2.44
C GLY D 121 13.43 -22.61 -3.23
N ARG D 122 12.35 -21.86 -2.99
CA ARG D 122 12.11 -20.58 -3.63
C ARG D 122 11.51 -19.62 -2.59
N ASN D 123 12.26 -19.37 -1.51
CA ASN D 123 11.78 -18.54 -0.41
C ASN D 123 12.30 -17.11 -0.48
N VAL D 124 12.55 -16.61 -1.69
CA VAL D 124 12.75 -15.19 -2.04
C VAL D 124 13.87 -14.48 -1.28
N CYS D 125 14.26 -14.97 -0.10
CA CYS D 125 15.21 -14.22 0.69
C CYS D 125 15.98 -15.13 1.64
N HIS D 126 17.04 -14.58 2.22
CA HIS D 126 17.84 -15.24 3.23
C HIS D 126 18.23 -14.23 4.30
N GLY D 127 18.30 -14.71 5.54
CA GLY D 127 18.79 -13.90 6.65
C GLY D 127 19.66 -14.71 7.57
N SER D 128 20.66 -14.05 8.15
CA SER D 128 21.57 -14.71 9.07
C SER D 128 20.80 -15.27 10.26
N ASP D 129 21.22 -16.44 10.73
CA ASP D 129 20.53 -17.13 11.82
C ASP D 129 21.15 -16.87 13.19
N SER D 130 22.27 -16.15 13.26
CA SER D 130 22.90 -15.84 14.53
C SER D 130 23.84 -14.66 14.35
N VAL D 131 24.20 -14.05 15.48
CA VAL D 131 25.07 -12.87 15.45
C VAL D 131 26.43 -13.24 14.88
N GLU D 132 27.00 -14.36 15.32
CA GLU D 132 28.32 -14.76 14.83
C GLU D 132 28.28 -15.17 13.36
N ASN D 133 27.22 -15.89 12.95
CA ASN D 133 27.07 -16.20 11.53
C ASN D 133 26.87 -14.95 10.70
N ALA D 134 26.19 -13.94 11.26
CA ALA D 134 26.02 -12.69 10.54
C ALA D 134 27.37 -12.03 10.25
N LYS D 135 28.27 -12.03 11.24
CA LYS D 135 29.59 -11.46 11.01
C LYS D 135 30.38 -12.24 9.97
N LYS D 136 30.17 -13.56 9.90
CA LYS D 136 30.81 -14.37 8.88
C LYS D 136 30.30 -13.99 7.48
N GLU D 137 28.98 -13.85 7.34
CA GLU D 137 28.40 -13.60 6.02
C GLU D 137 28.63 -12.17 5.57
N ILE D 138 28.63 -11.20 6.50
CA ILE D 138 28.91 -9.81 6.12
C ILE D 138 30.31 -9.70 5.53
N ALA D 139 31.29 -10.33 6.18
CA ALA D 139 32.65 -10.33 5.65
C ALA D 139 32.75 -11.13 4.36
N LEU D 140 31.86 -12.12 4.18
CA LEU D 140 31.92 -12.95 2.98
C LEU D 140 31.40 -12.21 1.76
N TRP D 141 30.32 -11.45 1.93
CA TRP D 141 29.69 -10.78 0.79
C TRP D 141 30.16 -9.35 0.57
N PHE D 142 30.71 -8.70 1.59
CA PHE D 142 31.02 -7.28 1.52
C PHE D 142 32.47 -7.02 1.92
N LYS D 143 33.11 -6.15 1.16
CA LYS D 143 34.38 -5.60 1.58
C LYS D 143 34.13 -4.53 2.64
N PRO D 144 35.09 -4.30 3.54
CA PRO D 144 34.82 -3.40 4.68
C PRO D 144 34.41 -2.00 4.28
N GLU D 145 35.01 -1.44 3.23
CA GLU D 145 34.66 -0.08 2.83
C GLU D 145 33.27 0.02 2.21
N GLU D 146 32.60 -1.10 1.97
CA GLU D 146 31.24 -1.08 1.45
C GLU D 146 30.19 -0.91 2.55
N LEU D 147 30.61 -0.97 3.82
CA LEU D 147 29.73 -0.67 4.95
C LEU D 147 29.72 0.85 5.15
N ILE D 148 28.58 1.47 4.89
CA ILE D 148 28.45 2.93 5.00
C ILE D 148 28.09 3.28 6.44
N SER D 149 28.79 4.25 7.01
CA SER D 149 28.60 4.66 8.39
C SER D 149 27.81 5.96 8.44
N TRP D 150 26.62 5.93 9.04
CA TRP D 150 25.79 7.12 9.15
C TRP D 150 24.82 6.94 10.31
N LYS D 151 24.10 8.02 10.62
CA LYS D 151 23.21 8.07 11.78
C LYS D 151 21.85 8.57 11.31
N SER D 152 20.80 7.80 11.60
CA SER D 152 19.46 8.16 11.16
C SER D 152 18.97 9.39 11.92
N ALA D 153 18.22 10.24 11.22
CA ALA D 153 17.68 11.43 11.87
C ALA D 153 16.67 11.09 12.95
N THR D 154 16.00 9.92 12.84
CA THR D 154 15.03 9.47 13.83
C THR D 154 15.60 8.39 14.75
N PHE D 155 16.92 8.39 14.97
CA PHE D 155 17.53 7.38 15.82
C PHE D 155 16.98 7.45 17.25
N ASP D 156 16.92 8.66 17.81
CA ASP D 156 16.43 8.82 19.17
C ASP D 156 14.92 8.62 19.28
N TRP D 157 14.22 8.48 18.15
CA TRP D 157 12.80 8.16 18.17
C TRP D 157 12.51 6.68 17.97
N VAL D 158 13.46 5.94 17.40
CA VAL D 158 13.33 4.49 17.28
C VAL D 158 13.86 3.78 18.52
N TYR D 159 14.95 4.30 19.11
CA TYR D 159 15.61 3.69 20.23
C TYR D 159 15.56 4.59 21.46
N GLU D 160 15.42 3.99 22.63
CA GLU D 160 15.49 4.70 23.90
C GLU D 160 16.88 4.68 24.52
N LYS D 161 17.75 3.78 24.07
CA LYS D 161 19.13 3.73 24.51
C LYS D 161 20.02 3.34 23.34
N ALA D 162 21.33 3.41 23.56
CA ALA D 162 22.31 3.12 22.52
C ALA D 162 22.25 1.66 22.08
N SER E 9 14.91 3.90 -28.32
CA SER E 9 13.67 3.28 -28.75
C SER E 9 13.66 1.78 -28.44
N MET E 10 14.84 1.24 -28.17
CA MET E 10 14.97 -0.18 -27.84
C MET E 10 14.78 -0.41 -26.34
N SER E 11 14.67 -1.69 -25.98
CA SER E 11 14.34 -2.06 -24.61
C SER E 11 15.55 -2.21 -23.69
N ASN E 12 16.77 -2.09 -24.22
CA ASN E 12 17.97 -2.18 -23.39
C ASN E 12 18.56 -0.81 -23.09
N GLU E 13 17.78 0.26 -23.30
CA GLU E 13 18.20 1.59 -22.88
C GLU E 13 18.39 1.62 -21.38
N GLN E 14 19.37 2.41 -20.92
CA GLN E 14 19.72 2.46 -19.51
C GLN E 14 19.72 3.91 -19.03
N THR E 15 19.44 4.07 -17.74
CA THR E 15 19.51 5.37 -17.08
C THR E 15 20.09 5.21 -15.70
N PHE E 16 20.57 6.32 -15.15
CA PHE E 16 21.15 6.35 -13.81
C PHE E 16 20.16 7.04 -12.87
N ILE E 17 19.65 6.29 -11.89
CA ILE E 17 18.77 6.82 -10.87
C ILE E 17 19.51 6.75 -9.53
N ALA E 18 19.47 7.86 -8.79
CA ALA E 18 20.13 7.93 -7.49
C ALA E 18 19.13 8.44 -6.46
N ILE E 19 19.08 7.77 -5.31
CA ILE E 19 18.29 8.24 -4.18
C ILE E 19 19.21 9.07 -3.31
N LYS E 20 18.92 10.37 -3.22
CA LYS E 20 19.77 11.31 -2.51
C LYS E 20 19.71 11.05 -1.00
N PRO E 21 20.65 11.64 -0.23
CA PRO E 21 20.68 11.36 1.22
C PRO E 21 19.37 11.60 1.95
N ASP E 22 18.60 12.62 1.56
CA ASP E 22 17.34 12.87 2.25
C ASP E 22 16.34 11.74 1.99
N GLY E 23 16.34 11.19 0.78
CA GLY E 23 15.50 10.02 0.51
C GLY E 23 15.90 8.82 1.33
N VAL E 24 17.20 8.64 1.55
CA VAL E 24 17.68 7.56 2.41
C VAL E 24 17.33 7.85 3.87
N GLN E 25 17.48 9.11 4.29
CA GLN E 25 17.21 9.47 5.68
C GLN E 25 15.73 9.35 6.03
N ARG E 26 14.84 9.54 5.05
CA ARG E 26 13.41 9.54 5.30
C ARG E 26 12.74 8.20 4.99
N GLY E 27 13.52 7.15 4.76
CA GLY E 27 12.98 5.82 4.56
C GLY E 27 12.18 5.66 3.28
N LEU E 28 12.72 6.16 2.17
CA LEU E 28 12.04 6.10 0.87
C LEU E 28 12.74 5.19 -0.12
N ILE E 29 13.69 4.37 0.33
CA ILE E 29 14.42 3.51 -0.60
C ILE E 29 13.49 2.48 -1.24
N GLY E 30 12.78 1.72 -0.40
CA GLY E 30 11.83 0.74 -0.87
C GLY E 30 10.75 1.32 -1.78
N PRO E 31 10.03 2.35 -1.31
CA PRO E 31 8.99 2.95 -2.16
C PRO E 31 9.49 3.44 -3.51
N ILE E 32 10.68 4.04 -3.56
CA ILE E 32 11.19 4.53 -4.83
C ILE E 32 11.54 3.36 -5.75
N ILE E 33 12.21 2.34 -5.21
CA ILE E 33 12.54 1.16 -6.00
C ILE E 33 11.26 0.50 -6.53
N SER E 34 10.20 0.49 -5.71
CA SER E 34 8.95 -0.13 -6.13
C SER E 34 8.32 0.61 -7.31
N ARG E 35 8.49 1.93 -7.37
CA ARG E 35 7.94 2.69 -8.49
C ARG E 35 8.51 2.21 -9.82
N PHE E 36 9.82 1.94 -9.85
CA PHE E 36 10.44 1.46 -11.08
C PHE E 36 10.20 -0.02 -11.32
N GLU E 37 10.15 -0.81 -10.25
CA GLU E 37 9.80 -2.22 -10.39
C GLU E 37 8.39 -2.39 -10.95
N ASN E 38 7.42 -1.64 -10.42
CA ASN E 38 6.04 -1.77 -10.86
C ASN E 38 5.88 -1.36 -12.32
N ARG E 39 6.60 -0.32 -12.74
CA ARG E 39 6.48 0.17 -14.10
C ARG E 39 6.96 -0.86 -15.13
N GLY E 40 7.77 -1.82 -14.72
CA GLY E 40 8.30 -2.83 -15.62
C GLY E 40 9.77 -2.69 -15.95
N PHE E 41 10.46 -1.71 -15.35
CA PHE E 41 11.87 -1.51 -15.62
C PHE E 41 12.71 -2.53 -14.87
N LYS E 42 13.94 -2.72 -15.34
CA LYS E 42 14.84 -3.75 -14.84
C LYS E 42 16.04 -3.12 -14.13
N LEU E 43 16.28 -3.55 -12.90
CA LEU E 43 17.45 -3.10 -12.15
C LEU E 43 18.65 -3.98 -12.52
N VAL E 44 19.66 -3.38 -13.14
CA VAL E 44 20.87 -4.10 -13.52
C VAL E 44 22.06 -3.76 -12.66
N ALA E 45 21.96 -2.73 -11.81
CA ALA E 45 23.06 -2.34 -10.94
C ALA E 45 22.52 -1.49 -9.82
N MET E 46 23.04 -1.69 -8.61
CA MET E 46 22.65 -0.90 -7.45
C MET E 46 23.71 -1.06 -6.38
N LYS E 47 23.98 0.03 -5.66
CA LYS E 47 24.89 -0.03 -4.52
C LYS E 47 24.68 1.18 -3.64
N LEU E 48 24.76 0.97 -2.33
CA LEU E 48 24.75 2.06 -1.37
C LEU E 48 26.19 2.55 -1.18
N VAL E 49 26.45 3.80 -1.55
CA VAL E 49 27.80 4.34 -1.54
C VAL E 49 27.81 5.72 -0.90
N SER E 50 28.97 6.09 -0.37
CA SER E 50 29.26 7.44 0.11
C SER E 50 30.39 7.98 -0.76
N PRO E 51 30.06 8.51 -1.93
CA PRO E 51 31.09 8.83 -2.93
C PRO E 51 31.93 10.03 -2.51
N PRO E 52 33.15 10.15 -3.02
CA PRO E 52 33.99 11.30 -2.68
C PRO E 52 33.44 12.58 -3.29
N GLN E 53 33.91 13.71 -2.75
CA GLN E 53 33.41 15.01 -3.17
C GLN E 53 33.74 15.28 -4.64
N SER E 54 34.90 14.82 -5.10
CA SER E 54 35.30 15.06 -6.49
C SER E 54 34.34 14.37 -7.45
N GLN E 55 33.91 13.15 -7.13
CA GLN E 55 32.97 12.45 -7.99
C GLN E 55 31.65 13.18 -8.08
N LEU E 56 31.19 13.76 -6.96
CA LEU E 56 29.95 14.53 -6.97
C LEU E 56 30.10 15.81 -7.76
N GLU E 57 31.21 16.53 -7.55
CA GLU E 57 31.49 17.71 -8.36
C GLU E 57 31.72 17.32 -9.81
N GLN E 58 32.25 16.12 -10.06
CA GLN E 58 32.34 15.61 -11.42
C GLN E 58 30.97 15.21 -11.95
N HIS E 59 30.05 14.81 -11.06
CA HIS E 59 28.71 14.45 -11.50
C HIS E 59 27.91 15.68 -11.90
N TYR E 60 27.96 16.74 -11.11
CA TYR E 60 27.27 17.99 -11.38
C TYR E 60 28.19 19.04 -11.99
N ALA E 61 29.08 18.61 -12.89
CA ALA E 61 30.08 19.52 -13.45
C ALA E 61 29.44 20.59 -14.33
N ASP E 62 28.33 20.28 -14.99
CA ASP E 62 27.65 21.26 -15.83
C ASP E 62 26.93 22.34 -15.03
N LEU E 63 27.03 22.31 -13.70
CA LEU E 63 26.51 23.36 -12.84
C LEU E 63 27.62 23.98 -11.98
N SER E 64 28.85 23.96 -12.50
CA SER E 64 30.03 24.27 -11.70
C SER E 64 30.06 25.71 -11.21
N ASP E 65 29.33 26.62 -11.84
CA ASP E 65 29.29 28.01 -11.38
C ASP E 65 27.87 28.51 -11.20
N LYS E 66 26.94 27.61 -10.87
CA LYS E 66 25.61 28.02 -10.42
C LYS E 66 25.67 28.41 -8.95
N PRO E 67 24.76 29.27 -8.50
CA PRO E 67 24.83 29.74 -7.10
C PRO E 67 24.64 28.64 -6.07
N PHE E 68 23.93 27.56 -6.42
CA PHE E 68 23.60 26.50 -5.46
C PHE E 68 24.58 25.33 -5.50
N PHE E 69 25.68 25.45 -6.26
CA PHE E 69 26.54 24.30 -6.50
C PHE E 69 27.20 23.82 -5.22
N LYS E 70 27.76 24.73 -4.42
CA LYS E 70 28.47 24.32 -3.22
C LYS E 70 27.54 23.71 -2.19
N GLY E 71 26.34 24.28 -2.03
CA GLY E 71 25.37 23.69 -1.12
C GLY E 71 24.82 22.37 -1.62
N LEU E 72 24.62 22.26 -2.94
CA LEU E 72 24.16 21.01 -3.52
C LEU E 72 25.20 19.91 -3.33
N VAL E 73 26.48 20.24 -3.49
CA VAL E 73 27.53 19.25 -3.29
C VAL E 73 27.62 18.85 -1.82
N SER E 74 27.51 19.83 -0.91
CA SER E 74 27.53 19.51 0.51
C SER E 74 26.34 18.64 0.89
N TYR E 75 25.17 18.91 0.30
CA TYR E 75 23.97 18.14 0.62
C TYR E 75 24.06 16.73 0.07
N MET E 76 24.75 16.53 -1.06
CA MET E 76 24.96 15.19 -1.59
C MET E 76 26.01 14.41 -0.82
N LEU E 77 26.80 15.07 0.03
CA LEU E 77 27.79 14.41 0.87
C LEU E 77 27.31 14.16 2.29
N SER E 78 26.15 14.69 2.66
CA SER E 78 25.67 14.62 4.04
C SER E 78 25.08 13.27 4.41
N GLY E 79 25.09 12.28 3.51
CA GLY E 79 24.56 10.98 3.82
C GLY E 79 24.79 9.97 2.71
N PRO E 80 24.43 8.72 2.97
CA PRO E 80 24.61 7.69 1.94
C PRO E 80 23.68 7.88 0.76
N ILE E 81 24.13 7.40 -0.40
CA ILE E 81 23.39 7.50 -1.65
C ILE E 81 23.14 6.09 -2.16
N CYS E 82 21.93 5.84 -2.64
CA CYS E 82 21.58 4.58 -3.29
C CYS E 82 21.65 4.81 -4.79
N ALA E 83 22.76 4.40 -5.40
CA ALA E 83 22.98 4.59 -6.83
C ALA E 83 22.50 3.36 -7.60
N MET E 84 21.71 3.60 -8.64
CA MET E 84 21.09 2.52 -9.38
C MET E 84 21.22 2.76 -10.88
N VAL E 85 21.14 1.67 -11.65
CA VAL E 85 21.01 1.73 -13.09
C VAL E 85 19.79 0.90 -13.47
N TRP E 86 18.79 1.54 -14.04
CA TRP E 86 17.58 0.88 -14.49
C TRP E 86 17.57 0.78 -16.01
N GLU E 87 16.99 -0.30 -16.52
CA GLU E 87 17.02 -0.59 -17.95
C GLU E 87 15.61 -0.87 -18.46
N GLY E 88 15.29 -0.29 -19.61
CA GLY E 88 14.00 -0.49 -20.24
C GLY E 88 13.82 0.48 -21.38
N ARG E 89 12.73 0.28 -22.12
CA ARG E 89 12.44 1.16 -23.25
C ARG E 89 12.08 2.55 -22.74
N ASP E 90 12.78 3.56 -23.26
CA ASP E 90 12.57 4.95 -22.90
C ASP E 90 12.70 5.18 -21.39
N VAL E 91 13.58 4.40 -20.76
CA VAL E 91 13.73 4.47 -19.31
C VAL E 91 14.29 5.82 -18.88
N VAL E 92 15.09 6.46 -19.73
CA VAL E 92 15.63 7.78 -19.40
C VAL E 92 14.52 8.80 -19.27
N LYS E 93 13.69 8.91 -20.31
CA LYS E 93 12.63 9.92 -20.31
C LYS E 93 11.50 9.54 -19.35
N THR E 94 11.06 8.27 -19.41
CA THR E 94 10.00 7.83 -18.51
C THR E 94 10.46 7.84 -17.06
N GLY E 95 11.73 7.57 -16.82
CA GLY E 95 12.25 7.65 -15.46
C GLY E 95 12.10 9.04 -14.87
N ARG E 96 12.48 10.07 -15.64
CA ARG E 96 12.34 11.44 -15.16
C ARG E 96 10.87 11.78 -14.91
N THR E 97 9.96 11.23 -15.72
CA THR E 97 8.54 11.45 -15.50
C THR E 97 8.08 10.77 -14.20
N ILE E 98 8.60 9.58 -13.91
CA ILE E 98 8.25 8.90 -12.67
C ILE E 98 8.75 9.67 -11.47
N LEU E 99 9.97 10.20 -11.54
CA LEU E 99 10.49 11.02 -10.44
C LEU E 99 9.67 12.27 -10.22
N GLY E 100 9.12 12.85 -11.28
CA GLY E 100 8.40 14.11 -11.20
C GLY E 100 9.29 15.28 -11.54
N ALA E 101 8.67 16.46 -11.53
CA ALA E 101 9.40 17.68 -11.86
C ALA E 101 10.55 17.89 -10.88
N THR E 102 11.67 18.37 -11.40
CA THR E 102 12.87 18.57 -10.58
C THR E 102 12.56 19.41 -9.34
N ASN E 103 11.78 20.48 -9.52
CA ASN E 103 11.28 21.24 -8.38
C ASN E 103 10.00 20.58 -7.89
N PRO E 104 9.96 20.05 -6.66
CA PRO E 104 8.74 19.39 -6.18
C PRO E 104 7.54 20.31 -6.13
N LEU E 105 7.75 21.62 -6.06
CA LEU E 105 6.62 22.56 -6.10
C LEU E 105 5.85 22.45 -7.41
N ALA E 106 6.52 22.05 -8.49
CA ALA E 106 5.91 21.93 -9.80
C ALA E 106 5.59 20.49 -10.19
N SER E 107 5.83 19.53 -9.30
CA SER E 107 5.59 18.13 -9.61
C SER E 107 4.14 17.75 -9.34
N ALA E 108 3.70 16.67 -9.98
CA ALA E 108 2.33 16.20 -9.88
C ALA E 108 2.21 15.09 -8.85
N PRO E 109 1.17 15.12 -8.02
CA PRO E 109 0.92 14.00 -7.10
C PRO E 109 0.76 12.70 -7.88
N GLY E 110 1.34 11.63 -7.35
CA GLY E 110 1.47 10.37 -8.03
C GLY E 110 2.89 10.08 -8.48
N THR E 111 3.67 11.13 -8.74
CA THR E 111 5.10 10.96 -8.98
C THR E 111 5.84 10.86 -7.64
N ILE E 112 7.12 10.51 -7.73
CA ILE E 112 7.93 10.36 -6.52
C ILE E 112 8.02 11.67 -5.76
N ARG E 113 8.33 12.76 -6.46
CA ARG E 113 8.46 14.05 -5.79
C ARG E 113 7.10 14.66 -5.47
N GLY E 114 6.08 14.40 -6.28
CA GLY E 114 4.73 14.84 -5.95
C GLY E 114 4.15 14.14 -4.74
N ASP E 115 4.73 13.02 -4.34
CA ASP E 115 4.26 12.29 -3.16
C ASP E 115 5.13 12.49 -1.93
N PHE E 116 6.41 12.86 -2.10
CA PHE E 116 7.37 12.77 -1.01
C PHE E 116 8.21 14.02 -0.76
N ALA E 117 8.37 14.93 -1.73
CA ALA E 117 9.34 16.00 -1.61
C ALA E 117 8.68 17.37 -1.71
N ILE E 118 9.40 18.39 -1.26
CA ILE E 118 8.91 19.77 -1.23
C ILE E 118 9.94 20.72 -1.84
N ASP E 119 11.14 20.75 -1.26
CA ASP E 119 12.19 21.67 -1.72
C ASP E 119 13.03 21.04 -2.81
N VAL E 120 13.45 21.87 -3.77
CA VAL E 120 14.32 21.39 -4.84
C VAL E 120 15.70 21.03 -4.30
N GLY E 121 16.12 21.68 -3.21
CA GLY E 121 17.36 21.30 -2.54
C GLY E 121 17.26 20.03 -1.74
N ARG E 122 16.05 19.48 -1.59
CA ARG E 122 15.83 18.21 -0.91
C ARG E 122 14.83 17.38 -1.69
N ASN E 123 15.06 17.25 -3.00
CA ASN E 123 14.12 16.57 -3.88
C ASN E 123 14.37 15.07 -3.99
N VAL E 124 15.03 14.48 -2.98
CA VAL E 124 14.96 13.05 -2.70
C VAL E 124 15.75 12.20 -3.70
N CYS E 125 15.62 12.49 -5.01
CA CYS E 125 16.17 11.61 -6.03
C CYS E 125 16.76 12.41 -7.18
N HIS E 126 17.50 11.70 -8.03
CA HIS E 126 18.09 12.27 -9.24
C HIS E 126 17.95 11.27 -10.37
N GLY E 127 17.70 11.76 -11.58
CA GLY E 127 17.63 10.92 -12.76
C GLY E 127 18.33 11.58 -13.93
N SER E 128 18.94 10.76 -14.77
CA SER E 128 19.62 11.27 -15.96
C SER E 128 18.61 11.93 -16.90
N ASP E 129 19.01 13.05 -17.49
CA ASP E 129 18.11 13.84 -18.33
C ASP E 129 18.27 13.55 -19.81
N SER E 130 19.17 12.66 -20.20
CA SER E 130 19.32 12.30 -21.60
C SER E 130 20.01 10.95 -21.70
N VAL E 131 19.88 10.33 -22.87
CA VAL E 131 20.54 9.05 -23.11
C VAL E 131 22.05 9.22 -23.07
N GLU E 132 22.56 10.31 -23.65
CA GLU E 132 23.99 10.54 -23.64
C GLU E 132 24.49 10.85 -22.23
N ASN E 133 23.77 11.69 -21.50
CA ASN E 133 24.15 11.99 -20.12
C ASN E 133 24.06 10.75 -19.23
N ALA E 134 23.14 9.84 -19.54
CA ALA E 134 23.04 8.62 -18.75
C ALA E 134 24.28 7.75 -18.91
N LYS E 135 24.76 7.59 -20.15
CA LYS E 135 25.95 6.78 -20.37
C LYS E 135 27.15 7.34 -19.63
N LYS E 136 27.29 8.67 -19.60
CA LYS E 136 28.38 9.28 -18.87
C LYS E 136 28.24 9.07 -17.37
N GLU E 137 27.01 9.22 -16.85
CA GLU E 137 26.81 9.06 -15.41
C GLU E 137 26.97 7.61 -14.97
N ILE E 138 26.47 6.67 -15.77
CA ILE E 138 26.60 5.25 -15.42
C ILE E 138 28.06 4.85 -15.32
N ALA E 139 28.88 5.29 -16.28
CA ALA E 139 30.31 4.98 -16.24
C ALA E 139 31.00 5.74 -15.11
N LEU E 140 30.47 6.91 -14.73
CA LEU E 140 31.08 7.68 -13.66
C LEU E 140 30.83 7.07 -12.29
N TRP E 141 29.66 6.47 -12.09
CA TRP E 141 29.28 5.92 -10.78
C TRP E 141 29.55 4.44 -10.64
N PHE E 142 29.51 3.67 -11.73
CA PHE E 142 29.63 2.22 -11.66
C PHE E 142 30.82 1.74 -12.50
N LYS E 143 31.55 0.78 -11.97
CA LYS E 143 32.45 0.00 -12.79
C LYS E 143 31.63 -0.91 -13.70
N PRO E 144 32.14 -1.19 -14.91
CA PRO E 144 31.32 -1.95 -15.88
C PRO E 144 30.95 -3.34 -15.41
N GLU E 145 31.72 -3.95 -14.50
CA GLU E 145 31.39 -5.28 -14.00
C GLU E 145 30.36 -5.24 -12.87
N GLU E 146 29.91 -4.05 -12.47
CA GLU E 146 28.83 -3.93 -11.50
C GLU E 146 27.46 -3.95 -12.16
N LEU E 147 27.39 -3.93 -13.49
CA LEU E 147 26.13 -4.05 -14.21
C LEU E 147 25.87 -5.53 -14.48
N ILE E 148 24.82 -6.06 -13.88
CA ILE E 148 24.48 -7.47 -14.03
C ILE E 148 23.67 -7.67 -15.31
N SER E 149 23.98 -8.75 -16.03
CA SER E 149 23.26 -9.10 -17.25
C SER E 149 22.26 -10.21 -16.94
N TRP E 150 20.98 -9.93 -17.15
CA TRP E 150 19.93 -10.92 -16.90
C TRP E 150 18.67 -10.49 -17.63
N LYS E 151 17.76 -11.43 -17.78
CA LYS E 151 16.49 -11.21 -18.48
C LYS E 151 15.33 -11.51 -17.55
N SER E 152 14.37 -10.59 -17.48
CA SER E 152 13.22 -10.76 -16.60
C SER E 152 12.30 -11.86 -17.12
N ALA E 153 11.72 -12.61 -16.19
CA ALA E 153 10.79 -13.67 -16.57
C ALA E 153 9.53 -13.14 -17.24
N THR E 154 9.23 -11.85 -17.09
CA THR E 154 8.04 -11.24 -17.67
C THR E 154 8.39 -10.22 -18.76
N PHE E 155 9.55 -10.38 -19.41
CA PHE E 155 9.96 -9.45 -20.45
C PHE E 155 8.93 -9.40 -21.58
N ASP E 156 8.55 -10.56 -22.10
CA ASP E 156 7.61 -10.61 -23.21
C ASP E 156 6.21 -10.16 -22.82
N TRP E 157 5.92 -10.04 -21.53
CA TRP E 157 4.64 -9.48 -21.10
C TRP E 157 4.73 -7.98 -20.82
N VAL E 158 5.94 -7.44 -20.69
CA VAL E 158 6.12 -6.01 -20.55
C VAL E 158 6.34 -5.34 -21.91
N TYR E 159 6.98 -6.03 -22.84
CA TYR E 159 7.33 -5.46 -24.14
C TYR E 159 6.72 -6.29 -25.27
N GLU E 160 6.22 -5.59 -26.28
CA GLU E 160 5.72 -6.22 -27.50
C GLU E 160 6.82 -6.44 -28.53
N LYS E 161 7.99 -5.84 -28.34
CA LYS E 161 9.07 -5.89 -29.31
C LYS E 161 10.39 -5.66 -28.58
N ALA E 162 11.48 -5.94 -29.28
CA ALA E 162 12.82 -5.73 -28.73
C ALA E 162 13.10 -4.23 -28.59
N MET F 10 -27.94 9.09 -14.78
CA MET F 10 -26.56 9.53 -14.86
C MET F 10 -25.64 8.59 -14.08
N SER F 11 -26.01 8.33 -12.82
CA SER F 11 -25.18 7.51 -11.95
C SER F 11 -25.17 6.03 -12.32
N ASN F 12 -26.07 5.59 -13.21
CA ASN F 12 -26.13 4.20 -13.63
C ASN F 12 -25.44 3.97 -14.98
N GLU F 13 -24.54 4.86 -15.37
CA GLU F 13 -23.75 4.65 -16.58
C GLU F 13 -22.81 3.47 -16.37
N GLN F 14 -22.56 2.72 -17.43
CA GLN F 14 -21.73 1.52 -17.37
C GLN F 14 -20.65 1.56 -18.44
N THR F 15 -19.52 0.94 -18.14
CA THR F 15 -18.42 0.83 -19.08
C THR F 15 -17.84 -0.58 -19.00
N PHE F 16 -17.09 -0.92 -20.04
CA PHE F 16 -16.42 -2.22 -20.11
C PHE F 16 -14.94 -2.03 -19.81
N ILE F 17 -14.47 -2.70 -18.75
CA ILE F 17 -13.07 -2.69 -18.36
C ILE F 17 -12.56 -4.13 -18.42
N ALA F 18 -11.44 -4.33 -19.11
CA ALA F 18 -10.86 -5.66 -19.26
C ALA F 18 -9.39 -5.61 -18.90
N ILE F 19 -8.94 -6.57 -18.10
CA ILE F 19 -7.52 -6.71 -17.78
C ILE F 19 -6.93 -7.67 -18.80
N LYS F 20 -6.03 -7.15 -19.64
CA LYS F 20 -5.45 -7.91 -20.73
C LYS F 20 -4.52 -8.99 -20.18
N PRO F 21 -4.13 -9.97 -21.02
CA PRO F 21 -3.29 -11.07 -20.52
C PRO F 21 -2.01 -10.64 -19.83
N ASP F 22 -1.38 -9.53 -20.27
CA ASP F 22 -0.18 -9.08 -19.59
C ASP F 22 -0.48 -8.56 -18.20
N GLY F 23 -1.66 -7.98 -17.99
CA GLY F 23 -2.05 -7.58 -16.65
C GLY F 23 -2.28 -8.77 -15.74
N VAL F 24 -2.86 -9.85 -16.28
CA VAL F 24 -3.06 -11.05 -15.49
C VAL F 24 -1.74 -11.75 -15.22
N GLN F 25 -0.88 -11.83 -16.24
CA GLN F 25 0.41 -12.51 -16.08
C GLN F 25 1.30 -11.81 -15.07
N ARG F 26 1.27 -10.49 -15.04
CA ARG F 26 2.11 -9.71 -14.14
C ARG F 26 1.48 -9.51 -12.77
N GLY F 27 0.37 -10.20 -12.48
CA GLY F 27 -0.24 -10.14 -11.16
C GLY F 27 -0.79 -8.78 -10.79
N LEU F 28 -1.62 -8.22 -11.68
CA LEU F 28 -2.17 -6.88 -11.49
C LEU F 28 -3.69 -6.87 -11.36
N ILE F 29 -4.32 -8.04 -11.18
CA ILE F 29 -5.78 -8.08 -11.08
C ILE F 29 -6.26 -7.28 -9.87
N GLY F 30 -5.68 -7.57 -8.70
CA GLY F 30 -6.01 -6.88 -7.49
C GLY F 30 -5.85 -5.38 -7.55
N PRO F 31 -4.64 -4.90 -7.90
CA PRO F 31 -4.44 -3.45 -7.96
C PRO F 31 -5.38 -2.73 -8.92
N ILE F 32 -5.67 -3.32 -10.08
CA ILE F 32 -6.56 -2.68 -11.03
C ILE F 32 -7.97 -2.56 -10.46
N ILE F 33 -8.47 -3.65 -9.87
CA ILE F 33 -9.79 -3.63 -9.26
C ILE F 33 -9.85 -2.60 -8.15
N SER F 34 -8.78 -2.49 -7.36
CA SER F 34 -8.76 -1.53 -6.26
C SER F 34 -8.89 -0.10 -6.76
N ARG F 35 -8.35 0.20 -7.95
CA ARG F 35 -8.45 1.56 -8.48
C ARG F 35 -9.90 1.96 -8.69
N PHE F 36 -10.69 1.09 -9.32
CA PHE F 36 -12.10 1.35 -9.54
C PHE F 36 -12.92 1.23 -8.26
N GLU F 37 -12.54 0.32 -7.37
CA GLU F 37 -13.23 0.21 -6.09
C GLU F 37 -13.03 1.48 -5.27
N ASN F 38 -11.78 1.93 -5.15
CA ASN F 38 -11.49 3.10 -4.31
C ASN F 38 -12.18 4.35 -4.83
N ARG F 39 -12.32 4.48 -6.15
CA ARG F 39 -12.90 5.70 -6.73
C ARG F 39 -14.38 5.84 -6.39
N GLY F 40 -15.06 4.74 -6.12
CA GLY F 40 -16.48 4.76 -5.80
C GLY F 40 -17.36 4.06 -6.81
N PHE F 41 -16.80 3.48 -7.86
CA PHE F 41 -17.58 2.79 -8.87
C PHE F 41 -17.99 1.40 -8.39
N LYS F 42 -19.10 0.92 -8.92
CA LYS F 42 -19.70 -0.34 -8.50
C LYS F 42 -19.46 -1.39 -9.56
N LEU F 43 -18.86 -2.52 -9.16
CA LEU F 43 -18.68 -3.64 -10.05
C LEU F 43 -19.99 -4.42 -10.15
N VAL F 44 -20.53 -4.53 -11.37
CA VAL F 44 -21.79 -5.24 -11.60
C VAL F 44 -21.59 -6.53 -12.36
N ALA F 45 -20.42 -6.76 -12.96
CA ALA F 45 -20.16 -7.98 -13.70
C ALA F 45 -18.66 -8.18 -13.83
N MET F 46 -18.22 -9.42 -13.68
CA MET F 46 -16.80 -9.75 -13.79
C MET F 46 -16.66 -11.25 -14.05
N LYS F 47 -15.68 -11.61 -14.87
CA LYS F 47 -15.37 -13.01 -15.09
C LYS F 47 -13.98 -13.13 -15.72
N LEU F 48 -13.28 -14.20 -15.35
CA LEU F 48 -12.04 -14.59 -16.03
C LEU F 48 -12.41 -15.49 -17.20
N VAL F 49 -11.99 -15.12 -18.40
CA VAL F 49 -12.47 -15.77 -19.60
C VAL F 49 -11.36 -15.76 -20.65
N SER F 50 -11.31 -16.83 -21.45
CA SER F 50 -10.44 -16.91 -22.61
C SER F 50 -11.32 -16.88 -23.86
N PRO F 51 -11.69 -15.70 -24.35
CA PRO F 51 -12.68 -15.63 -25.43
C PRO F 51 -12.10 -16.14 -26.73
N PRO F 52 -12.95 -16.62 -27.64
CA PRO F 52 -12.46 -17.07 -28.95
C PRO F 52 -11.96 -15.90 -29.79
N GLN F 53 -11.25 -16.24 -30.87
CA GLN F 53 -10.66 -15.22 -31.72
C GLN F 53 -11.72 -14.38 -32.43
N SER F 54 -12.85 -14.99 -32.80
CA SER F 54 -13.89 -14.23 -33.49
C SER F 54 -14.45 -13.12 -32.60
N GLN F 55 -14.57 -13.38 -31.30
CA GLN F 55 -15.05 -12.35 -30.39
C GLN F 55 -14.04 -11.22 -30.26
N LEU F 56 -12.75 -11.54 -30.25
CA LEU F 56 -11.73 -10.50 -30.15
C LEU F 56 -11.63 -9.70 -31.45
N GLU F 57 -11.77 -10.37 -32.59
CA GLU F 57 -11.75 -9.66 -33.87
C GLU F 57 -12.96 -8.74 -33.99
N GLN F 58 -14.12 -9.16 -33.47
CA GLN F 58 -15.29 -8.29 -33.47
C GLN F 58 -15.13 -7.15 -32.46
N HIS F 59 -14.45 -7.41 -31.35
CA HIS F 59 -14.24 -6.35 -30.35
C HIS F 59 -13.40 -5.21 -30.92
N TYR F 60 -12.37 -5.54 -31.69
CA TYR F 60 -11.51 -4.55 -32.34
C TYR F 60 -11.86 -4.39 -33.81
N ALA F 61 -13.15 -4.41 -34.15
CA ALA F 61 -13.57 -4.37 -35.55
C ALA F 61 -13.17 -3.06 -36.22
N ASP F 62 -13.13 -1.96 -35.47
CA ASP F 62 -12.75 -0.67 -36.03
C ASP F 62 -11.26 -0.58 -36.35
N LEU F 63 -10.50 -1.66 -36.16
CA LEU F 63 -9.05 -1.64 -36.37
C LEU F 63 -8.58 -2.72 -37.33
N SER F 64 -9.51 -3.40 -38.02
CA SER F 64 -9.13 -4.48 -38.93
C SER F 64 -8.30 -3.99 -40.10
N ASP F 65 -8.28 -2.68 -40.35
CA ASP F 65 -7.48 -2.10 -41.43
C ASP F 65 -6.12 -1.58 -40.94
N LYS F 66 -5.88 -1.58 -39.63
CA LYS F 66 -4.61 -1.11 -39.10
C LYS F 66 -3.56 -2.22 -39.14
N PRO F 67 -2.28 -1.86 -39.25
CA PRO F 67 -1.25 -2.90 -39.38
C PRO F 67 -1.02 -3.70 -38.12
N PHE F 68 -1.22 -3.13 -36.95
CA PHE F 68 -1.03 -3.83 -35.68
C PHE F 68 -2.20 -4.73 -35.32
N PHE F 69 -3.19 -4.87 -36.20
CA PHE F 69 -4.42 -5.59 -35.87
C PHE F 69 -4.14 -7.06 -35.59
N LYS F 70 -3.42 -7.73 -36.50
CA LYS F 70 -3.16 -9.15 -36.33
C LYS F 70 -2.38 -9.43 -35.05
N GLY F 71 -1.36 -8.61 -34.77
CA GLY F 71 -0.61 -8.77 -33.54
C GLY F 71 -1.42 -8.46 -32.31
N LEU F 72 -2.36 -7.51 -32.42
CA LEU F 72 -3.23 -7.19 -31.29
C LEU F 72 -4.14 -8.37 -30.96
N VAL F 73 -4.68 -9.04 -31.98
CA VAL F 73 -5.57 -10.17 -31.73
C VAL F 73 -4.81 -11.36 -31.16
N SER F 74 -3.60 -11.62 -31.68
CA SER F 74 -2.83 -12.76 -31.21
C SER F 74 -2.40 -12.59 -29.75
N TYR F 75 -2.05 -11.36 -29.37
CA TYR F 75 -1.63 -11.10 -27.99
C TYR F 75 -2.81 -11.11 -27.03
N MET F 76 -3.99 -10.72 -27.50
CA MET F 76 -5.19 -10.84 -26.66
C MET F 76 -5.62 -12.28 -26.50
N LEU F 77 -5.16 -13.18 -27.37
CA LEU F 77 -5.44 -14.61 -27.26
C LEU F 77 -4.42 -15.34 -26.41
N SER F 78 -3.32 -14.69 -26.02
CA SER F 78 -2.20 -15.38 -25.41
C SER F 78 -2.40 -15.72 -23.93
N GLY F 79 -3.45 -15.24 -23.30
CA GLY F 79 -3.68 -15.52 -21.90
C GLY F 79 -5.08 -15.20 -21.43
N PRO F 80 -5.34 -15.39 -20.14
CA PRO F 80 -6.67 -15.08 -19.60
C PRO F 80 -6.93 -13.60 -19.57
N ILE F 81 -8.22 -13.25 -19.62
CA ILE F 81 -8.67 -11.86 -19.58
C ILE F 81 -9.70 -11.74 -18.46
N CYS F 82 -9.55 -10.71 -17.62
CA CYS F 82 -10.51 -10.44 -16.56
C CYS F 82 -11.44 -9.34 -17.07
N ALA F 83 -12.56 -9.76 -17.64
CA ALA F 83 -13.54 -8.84 -18.19
C ALA F 83 -14.46 -8.35 -17.07
N MET F 84 -14.71 -7.05 -17.04
CA MET F 84 -15.49 -6.44 -15.96
C MET F 84 -16.47 -5.43 -16.54
N VAL F 85 -17.53 -5.17 -15.77
CA VAL F 85 -18.46 -4.09 -16.04
C VAL F 85 -18.56 -3.26 -14.78
N TRP F 86 -18.17 -1.98 -14.87
CA TRP F 86 -18.24 -1.06 -13.75
C TRP F 86 -19.32 -0.03 -14.01
N GLU F 87 -20.03 0.36 -12.94
CA GLU F 87 -21.16 1.27 -13.04
C GLU F 87 -20.95 2.48 -12.13
N GLY F 88 -21.17 3.66 -12.68
CA GLY F 88 -21.03 4.87 -11.92
C GLY F 88 -21.18 6.08 -12.82
N ARG F 89 -21.32 7.24 -12.18
CA ARG F 89 -21.48 8.47 -12.93
C ARG F 89 -20.22 8.77 -13.72
N ASP F 90 -20.39 8.94 -15.04
CA ASP F 90 -19.28 9.27 -15.95
C ASP F 90 -18.19 8.19 -15.90
N VAL F 91 -18.60 6.93 -15.72
CA VAL F 91 -17.62 5.87 -15.52
C VAL F 91 -16.83 5.58 -16.78
N VAL F 92 -17.41 5.87 -17.95
CA VAL F 92 -16.71 5.64 -19.21
C VAL F 92 -15.51 6.58 -19.31
N LYS F 93 -15.75 7.89 -19.21
CA LYS F 93 -14.66 8.86 -19.33
C LYS F 93 -13.71 8.78 -18.15
N THR F 94 -14.25 8.77 -16.93
CA THR F 94 -13.41 8.67 -15.74
C THR F 94 -12.64 7.34 -15.73
N GLY F 95 -13.28 6.26 -16.19
CA GLY F 95 -12.56 5.01 -16.33
C GLY F 95 -11.38 5.12 -17.27
N ARG F 96 -11.56 5.78 -18.41
CA ARG F 96 -10.45 6.00 -19.32
C ARG F 96 -9.35 6.82 -18.68
N THR F 97 -9.73 7.84 -17.91
CA THR F 97 -8.73 8.67 -17.21
C THR F 97 -7.98 7.85 -16.16
N ILE F 98 -8.69 6.96 -15.47
CA ILE F 98 -8.05 6.11 -14.47
C ILE F 98 -7.05 5.16 -15.14
N LEU F 99 -7.42 4.59 -16.28
CA LEU F 99 -6.49 3.70 -17.00
C LEU F 99 -5.24 4.46 -17.45
N GLY F 100 -5.41 5.72 -17.85
CA GLY F 100 -4.31 6.51 -18.39
C GLY F 100 -4.32 6.52 -19.91
N ALA F 101 -3.36 7.24 -20.46
CA ALA F 101 -3.22 7.29 -21.91
C ALA F 101 -3.00 5.90 -22.48
N THR F 102 -3.68 5.62 -23.60
CA THR F 102 -3.61 4.30 -24.21
C THR F 102 -2.17 3.86 -24.45
N ASN F 103 -1.32 4.78 -24.91
CA ASN F 103 0.10 4.53 -24.98
C ASN F 103 0.74 4.88 -23.64
N PRO F 104 1.32 3.92 -22.92
CA PRO F 104 1.80 4.21 -21.56
C PRO F 104 2.91 5.25 -21.50
N LEU F 105 3.69 5.43 -22.58
CA LEU F 105 4.74 6.44 -22.57
C LEU F 105 4.18 7.85 -22.48
N ALA F 106 2.90 8.04 -22.83
CA ALA F 106 2.23 9.33 -22.70
C ALA F 106 1.29 9.37 -21.51
N SER F 107 1.30 8.36 -20.67
CA SER F 107 0.42 8.30 -19.50
C SER F 107 1.10 8.95 -18.29
N ALA F 108 0.29 9.48 -17.40
CA ALA F 108 0.91 10.10 -16.23
C ALA F 108 0.95 9.13 -15.06
N PRO F 109 2.03 9.14 -14.29
CA PRO F 109 2.07 8.32 -13.07
C PRO F 109 0.96 8.72 -12.11
N GLY F 110 0.34 7.70 -11.50
CA GLY F 110 -0.89 7.84 -10.77
C GLY F 110 -2.05 7.14 -11.45
N THR F 111 -1.97 6.96 -12.77
CA THR F 111 -2.91 6.12 -13.49
C THR F 111 -2.39 4.68 -13.51
N ILE F 112 -3.20 3.77 -14.04
CA ILE F 112 -2.81 2.37 -14.10
C ILE F 112 -1.62 2.19 -15.03
N ARG F 113 -1.72 2.70 -16.27
CA ARG F 113 -0.63 2.54 -17.22
C ARG F 113 0.59 3.37 -16.84
N GLY F 114 0.37 4.55 -16.24
CA GLY F 114 1.49 5.33 -15.73
C GLY F 114 2.22 4.67 -14.58
N ASP F 115 1.59 3.71 -13.90
CA ASP F 115 2.22 2.99 -12.82
C ASP F 115 2.76 1.62 -13.21
N PHE F 116 2.23 1.01 -14.27
CA PHE F 116 2.52 -0.40 -14.54
C PHE F 116 2.92 -0.75 -15.96
N ALA F 117 2.74 0.13 -16.94
CA ALA F 117 2.90 -0.26 -18.34
C ALA F 117 3.92 0.61 -19.05
N ILE F 118 4.34 0.15 -20.23
CA ILE F 118 5.36 0.82 -21.04
C ILE F 118 4.94 0.87 -22.50
N ASP F 119 4.79 -0.31 -23.11
CA ASP F 119 4.45 -0.40 -24.54
C ASP F 119 2.95 -0.39 -24.74
N VAL F 120 2.51 0.24 -25.83
CA VAL F 120 1.08 0.28 -26.14
C VAL F 120 0.56 -1.11 -26.49
N GLY F 121 1.41 -1.97 -27.05
CA GLY F 121 1.04 -3.35 -27.30
C GLY F 121 0.98 -4.21 -26.05
N ARG F 122 1.42 -3.68 -24.91
CA ARG F 122 1.32 -4.37 -23.62
C ARG F 122 0.85 -3.35 -22.58
N ASN F 123 -0.32 -2.76 -22.80
CA ASN F 123 -0.83 -1.71 -21.92
C ASN F 123 -1.85 -2.24 -20.91
N VAL F 124 -1.78 -3.53 -20.58
CA VAL F 124 -2.36 -4.09 -19.36
C VAL F 124 -3.89 -4.16 -19.38
N CYS F 125 -4.56 -3.10 -19.81
CA CYS F 125 -6.00 -3.01 -19.64
C CYS F 125 -6.66 -2.37 -20.86
N HIS F 126 -7.99 -2.41 -20.87
CA HIS F 126 -8.81 -1.79 -21.90
C HIS F 126 -10.04 -1.16 -21.26
N GLY F 127 -10.45 -0.04 -21.83
CA GLY F 127 -11.68 0.62 -21.39
C GLY F 127 -12.42 1.19 -22.59
N SER F 128 -13.74 1.19 -22.48
CA SER F 128 -14.58 1.74 -23.55
C SER F 128 -14.31 3.23 -23.71
N ASP F 129 -14.25 3.68 -24.96
CA ASP F 129 -13.96 5.08 -25.26
C ASP F 129 -15.19 5.96 -25.30
N SER F 130 -16.39 5.38 -25.40
CA SER F 130 -17.61 6.16 -25.45
C SER F 130 -18.73 5.40 -24.77
N VAL F 131 -19.80 6.12 -24.45
CA VAL F 131 -20.96 5.51 -23.80
C VAL F 131 -21.60 4.49 -24.71
N GLU F 132 -21.71 4.79 -26.01
CA GLU F 132 -22.37 3.87 -26.92
C GLU F 132 -21.48 2.68 -27.29
N ASN F 133 -20.16 2.89 -27.35
CA ASN F 133 -19.26 1.75 -27.54
C ASN F 133 -19.22 0.86 -26.30
N ALA F 134 -19.48 1.43 -25.12
CA ALA F 134 -19.55 0.61 -23.90
C ALA F 134 -20.70 -0.38 -23.97
N LYS F 135 -21.88 0.07 -24.42
CA LYS F 135 -23.02 -0.82 -24.53
C LYS F 135 -22.75 -1.96 -25.50
N LYS F 136 -22.08 -1.68 -26.62
CA LYS F 136 -21.75 -2.73 -27.57
C LYS F 136 -20.76 -3.72 -26.97
N GLU F 137 -19.71 -3.21 -26.32
CA GLU F 137 -18.71 -4.10 -25.70
C GLU F 137 -19.30 -4.89 -24.53
N ILE F 138 -20.22 -4.27 -23.77
CA ILE F 138 -20.85 -4.99 -22.67
C ILE F 138 -21.73 -6.13 -23.19
N ALA F 139 -22.51 -5.85 -24.24
CA ALA F 139 -23.36 -6.89 -24.81
C ALA F 139 -22.56 -7.98 -25.52
N LEU F 140 -21.37 -7.64 -26.02
CA LEU F 140 -20.55 -8.62 -26.72
C LEU F 140 -19.87 -9.58 -25.75
N TRP F 141 -19.43 -9.08 -24.59
CA TRP F 141 -18.64 -9.88 -23.67
C TRP F 141 -19.46 -10.56 -22.59
N PHE F 142 -20.66 -10.07 -22.29
CA PHE F 142 -21.45 -10.59 -21.19
C PHE F 142 -22.87 -10.91 -21.66
N LYS F 143 -23.36 -12.08 -21.27
CA LYS F 143 -24.78 -12.35 -21.34
C LYS F 143 -25.53 -11.46 -20.34
N PRO F 144 -26.80 -11.16 -20.59
CA PRO F 144 -27.54 -10.29 -19.65
C PRO F 144 -27.63 -10.86 -18.24
N GLU F 145 -27.60 -12.19 -18.07
CA GLU F 145 -27.72 -12.78 -16.75
C GLU F 145 -26.52 -12.48 -15.88
N GLU F 146 -25.34 -12.28 -16.49
CA GLU F 146 -24.11 -12.12 -15.74
C GLU F 146 -23.97 -10.75 -15.11
N LEU F 147 -24.86 -9.82 -15.41
CA LEU F 147 -24.86 -8.50 -14.77
C LEU F 147 -25.70 -8.58 -13.50
N ILE F 148 -25.10 -8.21 -12.37
CA ILE F 148 -25.72 -8.34 -11.06
C ILE F 148 -26.25 -6.98 -10.64
N SER F 149 -27.51 -6.95 -10.18
CA SER F 149 -28.13 -5.73 -9.69
C SER F 149 -28.02 -5.69 -8.17
N TRP F 150 -27.32 -4.68 -7.65
CA TRP F 150 -27.19 -4.49 -6.22
C TRP F 150 -26.92 -3.03 -5.94
N LYS F 151 -27.09 -2.64 -4.67
CA LYS F 151 -26.95 -1.26 -4.23
C LYS F 151 -25.87 -1.19 -3.18
N SER F 152 -24.83 -0.40 -3.44
CA SER F 152 -23.75 -0.23 -2.47
C SER F 152 -24.26 0.52 -1.24
N ALA F 153 -23.81 0.05 -0.07
CA ALA F 153 -24.23 0.65 1.19
C ALA F 153 -23.78 2.11 1.32
N THR F 154 -22.76 2.52 0.56
CA THR F 154 -22.26 3.88 0.60
C THR F 154 -22.66 4.69 -0.65
N PHE F 155 -23.75 4.29 -1.32
CA PHE F 155 -24.18 4.99 -2.52
C PHE F 155 -24.53 6.44 -2.22
N ASP F 156 -25.19 6.70 -1.09
CA ASP F 156 -25.58 8.05 -0.74
C ASP F 156 -24.42 8.87 -0.17
N TRP F 157 -23.27 8.26 0.08
CA TRP F 157 -22.07 8.99 0.47
C TRP F 157 -21.12 9.23 -0.69
N VAL F 158 -21.26 8.47 -1.78
CA VAL F 158 -20.48 8.71 -2.99
C VAL F 158 -21.17 9.71 -3.90
N TYR F 159 -22.49 9.63 -4.03
CA TYR F 159 -23.26 10.50 -4.90
C TYR F 159 -24.18 11.40 -4.09
N GLU F 160 -24.35 12.63 -4.54
CA GLU F 160 -25.28 13.57 -3.94
C GLU F 160 -26.68 13.50 -4.55
N LYS F 161 -26.79 12.94 -5.76
CA LYS F 161 -28.06 12.87 -6.47
C LYS F 161 -27.99 11.71 -7.45
N ALA F 162 -29.16 11.27 -7.89
CA ALA F 162 -29.25 10.19 -8.86
C ALA F 162 -28.70 10.62 -10.21
PA TYD G . -16.02 26.26 -6.05
O1A TYD G . -16.66 25.96 -7.40
O2A TYD G . -15.94 27.75 -5.86
O3A TYD G . -14.51 25.60 -6.01
PB TYD G . -13.20 26.27 -5.24
O1B TYD G . -11.95 25.78 -5.93
O2B TYD G . -13.19 25.84 -3.80
O3B TYD G . -13.25 27.77 -5.32
O5' TYD G . -16.95 25.60 -4.85
C5' TYD G . -16.41 25.47 -3.57
C4' TYD G . -17.36 24.69 -2.68
O4' TYD G . -18.53 24.70 -3.18
C3' TYD G . -16.88 23.11 -2.56
O3' TYD G . -16.58 22.76 -1.14
C2' TYD G . -17.80 22.41 -2.97
C1' TYD G . -19.07 23.34 -2.89
N1 TYD G . -19.99 22.98 -3.81
C2 TYD G . -20.94 22.07 -3.50
O2 TYD G . -20.97 21.59 -2.43
N3 TYD G . -21.86 21.70 -4.44
C4 TYD G . -21.82 22.24 -5.65
O4 TYD G . -22.61 21.92 -6.46
C5 TYD G . -20.86 23.15 -5.96
C5M TYD G . -20.82 23.77 -7.36
C6 TYD G . -19.94 23.50 -5.02
PA TYD H . 3.94 -3.65 30.65
O1A TYD H . 3.56 -4.20 32.00
O2A TYD H . 5.45 -3.67 30.50
O3A TYD H . 3.26 -4.57 29.45
PB TYD H . 1.64 -4.85 29.35
O1B TYD H . 1.36 -5.81 28.22
O2B TYD H . 0.92 -3.55 29.10
O3B TYD H . 1.15 -5.45 30.66
O5' TYD H . 3.38 -2.11 30.49
C5' TYD H . 4.09 -1.07 31.11
C4' TYD H . 3.95 0.19 30.27
O4' TYD H . 4.96 0.94 30.43
C3' TYD H . 3.88 -0.22 28.67
O3' TYD H . 3.00 0.75 27.93
C2' TYD H . 5.04 -0.15 28.25
C1' TYD H . 5.75 0.92 29.15
N1 TYD H . 7.03 0.60 29.38
C2 TYD H . 8.01 1.48 29.09
O2 TYD H . 7.75 2.53 28.62
N3 TYD H . 9.31 1.15 29.33
C4 TYD H . 9.61 -0.02 29.84
O4 TYD H . 10.74 -0.30 30.05
C5 TYD H . 8.64 -0.91 30.14
C5M TYD H . 8.99 -2.29 30.73
C6 TYD H . 7.34 -0.59 29.90
PA TYD I . -17.05 -23.48 12.11
O1A TYD I . -17.23 -24.98 12.07
O2A TYD I . -17.25 -23.00 13.52
O3A TYD I . -15.52 -23.08 11.62
PB TYD I . -14.61 -23.96 10.55
O1B TYD I . -14.90 -25.44 10.71
O2B TYD I . -14.95 -23.54 9.14
O3B TYD I . -13.15 -23.69 10.82
O5' TYD I . -18.14 -22.76 11.12
C5' TYD I . -18.31 -23.26 9.82
C4' TYD I . -19.01 -22.23 8.96
O4' TYD I . -20.07 -21.83 9.55
C3' TYD I . -18.02 -20.91 8.75
O3' TYD I . -17.80 -20.68 7.30
C2' TYD I . -18.57 -19.94 9.26
C1' TYD I . -20.09 -20.33 9.43
N1 TYD I . -20.58 -19.80 10.57
C2 TYD I . -21.45 -18.76 10.50
O2 TYD I . -21.77 -18.33 9.46
N3 TYD I . -21.94 -18.22 11.65
C4 TYD I . -21.57 -18.71 12.82
O4 TYD I . -22.00 -18.23 13.81
C5 TYD I . -20.70 -19.74 12.88
C5M TYD I . -20.27 -20.31 14.25
C6 TYD I . -20.20 -20.28 11.74
PA TYD J . 17.54 -24.85 6.80
O1A TYD J . 16.84 -25.89 5.95
O2A TYD J . 18.55 -25.53 7.69
O3A TYD J . 16.43 -24.05 7.71
PB TYD J . 16.83 -23.18 9.06
O1B TYD J . 15.57 -22.82 9.81
O2B TYD J . 17.74 -23.99 9.94
O3B TYD J . 17.53 -21.91 8.63
O5' TYD J . 18.30 -23.77 5.83
C5' TYD J . 19.25 -24.24 4.91
C4' TYD J . 18.98 -23.63 3.54
O4' TYD J . 18.84 -24.55 2.67
C3' TYD J . 17.59 -22.74 3.57
O3' TYD J . 17.87 -21.36 3.07
C2' TYD J . 16.78 -23.29 2.84
C1' TYD J . 17.62 -24.19 1.87
N1 TYD J . 16.94 -25.29 1.54
C2 TYD J . 16.64 -25.55 0.25
O2 TYD J . 16.97 -24.78 -0.60
N3 TYD J . 15.96 -26.67 -0.09
C4 TYD J . 15.59 -27.53 0.86
O4 TYD J . 15.00 -28.51 0.58
C5 TYD J . 15.89 -27.27 2.16
C5M TYD J . 15.47 -28.27 3.26
C6 TYD J . 16.58 -26.16 2.49
PA TYD K . 17.86 22.19 -12.82
O1A TYD K . 18.84 22.27 -13.97
O2A TYD K . 17.41 23.58 -12.44
O3A TYD K . 16.55 21.29 -13.28
PB TYD K . 16.51 20.31 -14.60
O1B TYD K . 15.10 20.27 -15.15
O2B TYD K . 17.45 20.85 -15.66
O3B TYD K . 16.95 18.92 -14.21
O5' TYD K . 18.58 21.48 -11.52
C5' TYD K . 19.37 20.33 -11.72
C4' TYD K . 19.92 19.88 -10.38
O4' TYD K . 20.30 20.89 -9.70
C3' TYD K . 18.74 19.12 -9.52
O3' TYD K . 19.24 17.79 -9.04
C2' TYD K . 18.44 19.82 -8.57
C1' TYD K . 19.68 20.76 -8.34
N1 TYD K . 19.28 21.96 -7.89
C2 TYD K . 19.50 22.31 -6.60
O2 TYD K . 20.04 21.55 -5.87
N3 TYD K . 19.11 23.52 -6.15
C4 TYD K . 18.50 24.38 -6.95
O4 TYD K . 18.16 25.43 -6.55
C5 TYD K . 18.28 24.03 -8.24
C5M TYD K . 17.57 25.02 -9.19
C6 TYD K . 18.68 22.82 -8.70
PA TYD L . -5.81 3.74 -30.79
PA TYD L . -5.61 3.82 -30.35
O1A TYD L . -6.23 4.78 -31.80
O1A TYD L . -6.37 4.35 -31.55
O2A TYD L . -4.36 3.36 -31.04
O2A TYD L . -4.14 3.70 -30.69
O3A TYD L . -5.97 4.35 -29.27
O3A TYD L . -5.80 4.85 -29.09
PB TYD L . -7.37 4.99 -28.70
PB TYD L . -7.29 5.23 -28.47
O1B TYD L . -8.17 5.56 -29.85
O1B TYD L . -8.21 5.62 -29.58
O2B TYD L . -7.05 6.09 -27.72
O2B TYD L . -7.14 6.37 -27.49
O3B TYD L . -8.16 3.91 -28.00
O3B TYD L . -7.85 4.02 -27.76
O5' TYD L . -6.75 2.40 -30.92
O5' TYD L . -6.21 2.35 -29.91
C5' TYD L . -6.15 1.20 -31.34
C5' TYD L . -6.08 1.26 -30.79
C4' TYD L . -6.26 0.15 -30.24
C4' TYD L . -6.14 -0.03 -29.99
O4' TYD L . -5.49 -0.82 -30.51
O4' TYD L . -5.34 -0.89 -30.48
C3' TYD L . -5.83 0.77 -28.77
C3' TYD L . -5.66 0.26 -28.43
O3' TYD L . -6.81 0.36 -27.73
O3' TYD L . -6.34 -0.69 -27.51
C2' TYD L . -4.71 0.36 -28.51
C2' TYD L . -4.44 0.06 -28.42
C1' TYD L . -4.39 -0.82 -29.48
C1' TYD L . -4.20 -1.03 -29.51
N1 TYD L . -3.18 -0.65 -30.06
N1 TYD L . -3.03 -0.83 -30.14
C2 TYD L . -2.30 -1.67 -30.11
C2 TYD L . -2.15 -1.84 -30.28
O2 TYD L . -2.59 -2.71 -29.63
O2 TYD L . -2.41 -2.91 -29.84
N3 TYD L . -1.09 -1.50 -30.70
N3 TYD L . -0.96 -1.65 -30.91
C4 TYD L . -0.77 -0.34 -31.22
C4 TYD L . -0.67 -0.46 -31.41
O4 TYD L . 0.29 -0.19 -31.73
O4 TYD L . 0.36 -0.28 -31.97
C5 TYD L . -1.64 0.69 -31.19
C5 TYD L . -1.55 0.56 -31.28
C5M TYD L . -1.27 2.05 -31.81
C5M TYD L . -1.20 1.95 -31.86
C6 TYD L . -2.85 0.52 -30.60
C6 TYD L . -2.73 0.36 -30.64
#